data_8WG8
#
_entry.id   8WG8
#
_cell.length_a   1.00
_cell.length_b   1.00
_cell.length_c   1.00
_cell.angle_alpha   90.00
_cell.angle_beta   90.00
_cell.angle_gamma   90.00
#
_symmetry.space_group_name_H-M   'P 1'
#
loop_
_entity.id
_entity.type
_entity.pdbx_description
1 polymer 'Guanine nucleotide-binding protein G(s) subunit alpha isoforms short'
2 polymer 'Guanine nucleotide-binding protein G(I)/G(S)/G(T) subunit beta-1'
3 polymer 'Guanine nucleotide-binding protein G(I)/G(S)/G(O) subunit gamma-2'
4 polymer Nanobody-35
5 polymer 'Glucagon receptor'
6 polymer PRO-PRO-PRO-PRO-PHE-SER-ASN-LEU-VAL-MET-ASP-ASP-LEU-LYS-ASN-LYS-LYS
#
loop_
_entity_poly.entity_id
_entity_poly.type
_entity_poly.pdbx_seq_one_letter_code
_entity_poly.pdbx_strand_id
1 'polypeptide(L)'
;MGCTLSAEDKAAVERSKMIEKQLQKDKQVYRATHRLLLLGADNSGKSTIVKQMRIYHVNGYSEEECKQYKAVVYSNTIQS
IIAIIRAMGRLKIDFGDSARADDARQLFVLAGAAEEGFMTAELAGVIKRLWKDSGVQACFNRSREYQLNDSAAYYLNDLD
RIAQPNYIPTQQDVLRTRVKTSGIFETKFQVDKVNFHMFDVGAQRDERRKWIQCFNDVTAIIFVVASSSYNRLQEALNDF
KSIWNNRWLRTISVILFLNKQDLLAEKVLAGKSKIEDYFPEFARYTTPEDATPEPGEDPRVTRAKYFIRDEFLRISTASG
DGRHYCYPHFTCSVDTENARRVFNDCRDIIQRMHLRQYELL
;
A
2 'polypeptide(L)'
;MGSLLQSELDQLRQEAEQLKNQIRDARKACADATLSQITNNIDPVGRIQMRTRRTLRGHLAKIYAMHWGTDSRLLVSASQ
DGKLIIWDSYTTNKVHAIPLRSSWVMTCAYAPSGNYVACGGLDNICSIYNLKTREGNVRVSRELAGHTGYLSCCRFLDDN
QIVTSSGDTTCALWDIETGQQTTTFTGHTGDVMSLSLAPDTRLFVSGACDASAKLWDVREGMCRQTFTGHESDINAICFF
PNGNAFATGSDDATCRLFDLRADQELMTYSHDNIICGITSVSFSKSGRLLLAGYDDFNCNVWDALKADRAGVLAGHDNRV
SCLGVTDDGMAVATGSWDSFLKIWNGSSGGGGSGGGGSSGVSGWRLFKKIS
;
B
3 'polypeptide(L)' MASNNTASIAQARKLVEQLKMEANIDRIKVSKAAADLMAYCEAHAKEDPLLTPVPASENPFREKKFFCAIL G
4 'polypeptide(L)'
;MAQVQLQESGGGLVQPGGSLRLSCAASGFTFSNYKMNWVRQAPGKGLEWVSDISQSGASISYTGSVKGRFTISRDNAKNT
LYLQMNSLKPEDTAVYYCARCPAPFTRDCFDVTSTTYAYRGQGTQVTVSSHHHHHHEPEA
;
N
5 'polypeptide(L)'
;AQVMDFLFEKWKLYGDQCHHNLSLLPPPTELVCNRTFDKYSCWPDTPANTTANISCPWYLPWHHKVQHRFVFKRCGPDGQ
WVRGPRGQPWRDASQCQMDGEEIEVQKEVAKMYSSFQVMYTVGYSLSLGALLLALAILGGLSKLHCTRNAIHANLFASFV
LKASSVLVIDGLLRTRYSQKIGDDLSVSTWLSDGAVAGCRVAAVFMQYGIVANYCWLLVEGLYLHNLLGLATLPERSFFS
LYLGIGWGAPMLFVVPWAVVKCLFENVQCWTSNDNMGFWWILRFPVFLAILINFFIFVRIVQLLVAKLRARQMHHTDYKF
RLAKSTLTLIPLLGVHEVVFAFVTDEHAQGTLRSAKLFFDLFLSSFQGLLVAVLYCFLNKEVQSELRRRWHRWRLGKVLW
EERNTSN
;
R
6 'polypeptide(L)' PPPPFSNLVMDDLKNKK E
#
# COMPACT_ATOMS: atom_id res chain seq x y z
N LEU A 5 31.75 -4.81 -24.54
CA LEU A 5 32.87 -5.75 -24.45
C LEU A 5 32.38 -7.16 -24.18
N SER A 6 33.32 -8.11 -24.13
CA SER A 6 32.95 -9.50 -23.83
C SER A 6 33.95 -10.18 -22.90
N ALA A 7 34.91 -9.44 -22.32
CA ALA A 7 35.90 -10.04 -21.44
C ALA A 7 35.40 -9.92 -20.02
N GLU A 8 35.15 -8.70 -19.51
CA GLU A 8 34.66 -8.55 -18.15
C GLU A 8 33.16 -8.28 -18.12
N ASP A 9 32.62 -7.70 -19.19
CA ASP A 9 31.19 -7.44 -19.25
C ASP A 9 30.40 -8.75 -19.31
N LYS A 10 30.93 -9.75 -20.01
CA LYS A 10 30.25 -11.04 -20.09
C LYS A 10 30.16 -11.69 -18.71
N ALA A 11 31.21 -11.54 -17.91
CA ALA A 11 31.16 -12.03 -16.53
C ALA A 11 30.07 -11.34 -15.72
N ALA A 12 29.93 -10.02 -15.90
CA ALA A 12 28.85 -9.30 -15.22
C ALA A 12 27.49 -9.81 -15.68
N VAL A 13 27.34 -10.07 -16.98
CA VAL A 13 26.06 -10.54 -17.50
C VAL A 13 25.72 -11.91 -16.93
N GLU A 14 26.71 -12.82 -16.87
CA GLU A 14 26.42 -14.15 -16.36
C GLU A 14 26.15 -14.11 -14.85
N ARG A 15 26.84 -13.23 -14.13
CA ARG A 15 26.54 -13.04 -12.71
C ARG A 15 25.12 -12.54 -12.51
N SER A 16 24.72 -11.54 -13.29
CA SER A 16 23.37 -11.00 -13.17
C SER A 16 22.38 -12.08 -13.45
N LYS A 17 22.74 -13.02 -14.30
CA LYS A 17 21.82 -14.06 -14.69
C LYS A 17 21.70 -15.11 -13.60
N MET A 18 22.78 -15.38 -12.89
CA MET A 18 22.70 -16.30 -11.78
C MET A 18 21.90 -15.67 -10.65
N ILE A 19 22.05 -14.38 -10.46
CA ILE A 19 21.33 -13.69 -9.42
C ILE A 19 19.87 -13.77 -9.79
N GLU A 20 19.55 -13.56 -11.05
CA GLU A 20 18.18 -13.56 -11.47
C GLU A 20 17.57 -14.94 -11.40
N LYS A 21 18.39 -15.98 -11.55
CA LYS A 21 17.87 -17.32 -11.42
C LYS A 21 17.46 -17.57 -9.99
N GLN A 22 18.26 -17.13 -9.04
CA GLN A 22 17.90 -17.30 -7.64
C GLN A 22 16.71 -16.44 -7.31
N LEU A 23 16.65 -15.25 -7.86
CA LEU A 23 15.53 -14.37 -7.60
C LEU A 23 14.22 -14.86 -8.19
N GLN A 24 14.26 -15.87 -9.04
CA GLN A 24 13.03 -16.44 -9.54
C GLN A 24 12.77 -17.66 -8.73
N LYS A 25 13.82 -18.44 -8.47
CA LYS A 25 13.63 -19.58 -7.58
C LYS A 25 12.93 -19.19 -6.29
N ASP A 26 13.32 -18.06 -5.69
CA ASP A 26 12.73 -17.72 -4.40
C ASP A 26 11.49 -16.84 -4.50
N LYS A 27 11.15 -16.33 -5.68
CA LYS A 27 9.89 -15.62 -5.85
C LYS A 27 8.70 -16.54 -5.62
N GLN A 28 8.85 -17.79 -6.02
CA GLN A 28 7.82 -18.76 -5.80
C GLN A 28 7.58 -18.93 -4.33
N VAL A 29 8.65 -19.11 -3.58
CA VAL A 29 8.55 -19.27 -2.12
C VAL A 29 7.94 -18.03 -1.49
N TYR A 30 8.35 -16.85 -1.95
CA TYR A 30 7.82 -15.61 -1.38
C TYR A 30 6.31 -15.50 -1.59
N ARG A 31 5.84 -15.81 -2.79
CA ARG A 31 4.41 -15.61 -3.11
C ARG A 31 3.48 -16.71 -2.70
N ALA A 32 4.01 -17.81 -2.21
CA ALA A 32 3.17 -18.93 -1.86
C ALA A 32 2.99 -19.00 -0.36
N THR A 33 3.72 -18.17 0.36
CA THR A 33 3.59 -18.13 1.82
C THR A 33 2.76 -16.93 2.22
N HIS A 34 1.78 -17.15 3.10
CA HIS A 34 0.95 -16.07 3.60
C HIS A 34 1.63 -15.34 4.76
N ARG A 35 1.49 -14.03 4.79
CA ARG A 35 1.95 -13.21 5.89
C ARG A 35 0.75 -12.75 6.70
N LEU A 36 0.90 -12.73 8.02
CA LEU A 36 -0.18 -12.34 8.92
C LEU A 36 0.37 -11.37 9.96
N LEU A 37 -0.38 -10.31 10.25
CA LEU A 37 0.01 -9.35 11.27
C LEU A 37 -0.84 -9.59 12.51
N LEU A 38 -0.23 -10.16 13.55
CA LEU A 38 -0.93 -10.48 14.79
C LEU A 38 -0.76 -9.33 15.77
N LEU A 39 -1.87 -8.86 16.34
CA LEU A 39 -1.80 -7.80 17.33
C LEU A 39 -3.01 -7.86 18.26
N GLY A 40 -2.84 -7.29 19.44
CA GLY A 40 -3.88 -7.27 20.46
C GLY A 40 -3.49 -6.36 21.59
N ALA A 41 -3.76 -6.78 22.81
CA ALA A 41 -3.38 -6.04 24.01
C ALA A 41 -2.58 -6.95 24.93
N ASP A 42 -2.04 -6.36 25.99
CA ASP A 42 -1.25 -7.14 26.94
C ASP A 42 -2.12 -8.19 27.64
N ASN A 43 -3.34 -7.84 28.00
CA ASN A 43 -4.26 -8.76 28.65
C ASN A 43 -5.08 -9.57 27.65
N SER A 44 -4.91 -9.33 26.34
CA SER A 44 -5.70 -10.04 25.34
C SER A 44 -5.38 -11.53 25.35
N GLY A 45 -4.11 -11.90 25.49
CA GLY A 45 -3.70 -13.27 25.42
C GLY A 45 -3.12 -13.70 24.09
N LYS A 46 -2.51 -12.78 23.33
CA LYS A 46 -1.91 -13.14 22.06
C LYS A 46 -0.74 -14.09 22.23
N SER A 47 -0.10 -14.06 23.41
CA SER A 47 1.06 -14.94 23.63
C SER A 47 0.66 -16.40 23.57
N THR A 48 -0.47 -16.76 24.19
CA THR A 48 -0.92 -18.15 24.14
C THR A 48 -1.47 -18.52 22.77
N ILE A 49 -1.91 -17.53 21.98
CA ILE A 49 -2.27 -17.79 20.59
C ILE A 49 -1.03 -18.13 19.78
N VAL A 50 0.08 -17.45 20.09
CA VAL A 50 1.34 -17.66 19.36
C VAL A 50 1.86 -19.05 19.63
N LYS A 51 1.28 -19.73 20.62
CA LYS A 51 1.67 -21.11 20.89
C LYS A 51 0.87 -22.07 20.03
N GLN A 52 0.77 -21.81 18.73
CA GLN A 52 0.11 -22.74 17.83
C GLN A 52 1.18 -23.77 17.63
N MET A 53 2.37 -23.32 17.24
CA MET A 53 3.53 -24.22 17.07
C MET A 53 3.33 -25.48 16.24
N ARG A 54 3.32 -25.30 14.92
CA ARG A 54 3.22 -26.44 14.03
C ARG A 54 4.57 -26.62 13.39
N ILE A 55 5.31 -25.53 13.23
CA ILE A 55 6.64 -25.59 12.65
C ILE A 55 7.65 -24.90 13.56
N VAL A 179 18.44 -13.16 19.14
CA VAL A 179 17.29 -12.58 19.84
C VAL A 179 17.61 -11.17 20.30
N LYS A 180 18.74 -11.02 21.00
CA LYS A 180 19.24 -9.74 21.50
C LYS A 180 18.27 -9.09 22.48
N THR A 181 17.30 -9.85 22.99
CA THR A 181 16.31 -9.35 23.96
C THR A 181 15.62 -8.09 23.48
N SER A 182 15.41 -7.99 22.17
CA SER A 182 14.76 -6.82 21.59
C SER A 182 14.34 -7.15 20.16
N GLY A 183 13.21 -6.62 19.74
CA GLY A 183 12.80 -6.69 18.35
C GLY A 183 12.07 -7.93 17.86
N ILE A 184 12.62 -9.10 18.17
CA ILE A 184 12.21 -10.36 17.54
C ILE A 184 10.69 -10.57 17.61
N PHE A 185 10.07 -10.74 16.44
CA PHE A 185 8.63 -10.86 16.33
C PHE A 185 8.25 -11.89 15.25
N GLU A 186 8.94 -13.02 15.22
CA GLU A 186 8.78 -13.98 14.14
C GLU A 186 8.09 -15.26 14.63
N THR A 187 7.16 -15.75 13.83
CA THR A 187 6.53 -17.05 14.05
C THR A 187 6.21 -17.66 12.69
N LYS A 188 6.47 -18.95 12.54
CA LYS A 188 6.22 -19.65 11.29
C LYS A 188 5.46 -20.93 11.57
N PHE A 189 4.39 -21.18 10.81
CA PHE A 189 3.63 -22.42 10.94
C PHE A 189 3.11 -22.88 9.60
N GLN A 190 2.59 -24.09 9.54
CA GLN A 190 2.14 -24.63 8.27
C GLN A 190 0.97 -25.54 8.42
N VAL A 191 0.00 -25.45 7.53
CA VAL A 191 -1.16 -26.31 7.54
C VAL A 191 -1.56 -26.61 6.11
N ASP A 192 -1.94 -27.87 5.85
CA ASP A 192 -2.36 -28.31 4.53
C ASP A 192 -1.34 -27.93 3.46
N LYS A 193 -0.06 -28.09 3.80
CA LYS A 193 1.07 -27.84 2.90
C LYS A 193 1.15 -26.39 2.44
N VAL A 194 0.57 -25.45 3.18
CA VAL A 194 0.75 -24.03 2.92
C VAL A 194 1.28 -23.38 4.20
N ASN A 195 2.23 -22.46 4.02
CA ASN A 195 2.97 -21.85 5.12
C ASN A 195 2.41 -20.48 5.46
N PHE A 196 2.48 -20.14 6.74
CA PHE A 196 2.06 -18.85 7.25
C PHE A 196 3.16 -18.26 8.12
N HIS A 197 3.39 -16.95 7.95
CA HIS A 197 4.34 -16.18 8.74
C HIS A 197 3.55 -15.21 9.60
N MET A 198 3.45 -15.50 10.89
CA MET A 198 2.74 -14.65 11.84
C MET A 198 3.76 -13.76 12.56
N PHE A 199 3.49 -12.45 12.58
CA PHE A 199 4.37 -11.47 13.16
C PHE A 199 3.71 -10.83 14.37
N ASP A 200 4.40 -10.85 15.51
CA ASP A 200 3.87 -10.36 16.78
C ASP A 200 4.78 -9.23 17.27
N VAL A 201 4.51 -8.02 16.83
CA VAL A 201 5.32 -6.86 17.23
C VAL A 201 5.20 -6.68 18.73
N GLY A 202 6.33 -6.82 19.43
CA GLY A 202 6.31 -6.74 20.87
C GLY A 202 7.50 -6.01 21.48
N ALA A 203 8.09 -5.09 20.72
CA ALA A 203 9.22 -4.31 21.21
C ALA A 203 9.15 -2.83 20.91
N GLN A 204 8.24 -2.38 20.05
CA GLN A 204 8.15 -0.97 19.69
C GLN A 204 7.38 -0.19 20.75
N ARG A 205 7.26 1.11 20.53
CA ARG A 205 6.61 2.01 21.48
C ARG A 205 5.09 1.93 21.30
N ASP A 206 4.37 2.81 22.00
CA ASP A 206 2.92 2.78 21.98
C ASP A 206 2.35 3.39 20.68
N GLU A 207 3.01 4.39 20.12
CA GLU A 207 2.52 5.04 18.90
C GLU A 207 2.76 4.11 17.72
N ARG A 208 1.69 3.60 17.11
CA ARG A 208 1.82 2.67 16.00
C ARG A 208 1.52 3.28 14.68
N ARG A 209 1.29 4.58 14.61
CA ARG A 209 0.83 5.19 13.38
C ARG A 209 1.89 5.20 12.28
N LYS A 210 3.13 4.83 12.58
CA LYS A 210 4.20 4.90 11.60
C LYS A 210 4.64 3.55 11.08
N TRP A 211 4.93 2.59 11.96
CA TRP A 211 5.38 1.28 11.49
C TRP A 211 4.24 0.41 10.98
N ILE A 212 2.99 0.72 11.33
CA ILE A 212 1.87 -0.08 10.83
C ILE A 212 1.76 0.00 9.32
N GLN A 213 2.34 1.02 8.72
CA GLN A 213 2.28 1.17 7.28
C GLN A 213 3.03 0.04 6.63
N CYS A 214 3.98 -0.55 7.35
CA CYS A 214 4.73 -1.67 6.81
C CYS A 214 3.85 -2.88 6.54
N PHE A 215 2.67 -2.95 7.16
CA PHE A 215 1.82 -4.13 7.10
C PHE A 215 0.54 -3.88 6.31
N ASN A 216 0.64 -3.16 5.20
CA ASN A 216 -0.52 -2.97 4.32
C ASN A 216 -0.49 -3.87 3.10
N ASP A 217 0.57 -4.63 2.89
CA ASP A 217 0.61 -5.69 1.90
C ASP A 217 0.40 -7.05 2.51
N VAL A 218 0.08 -7.11 3.81
CA VAL A 218 -0.07 -8.37 4.50
C VAL A 218 -1.38 -9.04 4.07
N THR A 219 -1.41 -10.37 4.15
CA THR A 219 -2.63 -11.08 3.77
C THR A 219 -3.79 -10.75 4.70
N ALA A 220 -3.54 -10.73 6.00
CA ALA A 220 -4.60 -10.46 6.96
C ALA A 220 -4.02 -9.94 8.26
N ILE A 221 -4.87 -9.28 9.04
CA ILE A 221 -4.52 -8.77 10.36
C ILE A 221 -5.35 -9.52 11.37
N ILE A 222 -4.68 -10.26 12.24
CA ILE A 222 -5.32 -10.95 13.34
C ILE A 222 -5.40 -10.00 14.53
N PHE A 223 -6.62 -9.80 15.04
CA PHE A 223 -6.85 -8.92 16.16
C PHE A 223 -7.35 -9.76 17.27
N VAL A 224 -6.61 -9.83 18.34
CA VAL A 224 -6.99 -10.62 19.51
C VAL A 224 -7.48 -9.67 20.60
N VAL A 225 -8.69 -9.91 21.11
CA VAL A 225 -9.29 -9.06 22.12
C VAL A 225 -9.79 -9.91 23.28
N ALA A 226 -9.51 -9.47 24.50
CA ALA A 226 -9.99 -10.16 25.70
C ALA A 226 -11.40 -9.69 26.00
N SER A 227 -12.37 -10.59 25.89
CA SER A 227 -13.78 -10.27 26.08
C SER A 227 -14.27 -10.54 27.50
N SER A 228 -13.37 -10.49 28.48
CA SER A 228 -13.74 -10.67 29.88
C SER A 228 -13.55 -9.44 30.74
N SER A 229 -12.62 -8.56 30.39
CA SER A 229 -12.39 -7.32 31.12
C SER A 229 -13.20 -6.22 30.44
N TYR A 230 -14.40 -5.96 30.95
CA TYR A 230 -15.27 -4.94 30.36
C TYR A 230 -14.70 -3.54 30.50
N ASN A 231 -13.85 -3.30 31.49
CA ASN A 231 -13.32 -1.96 31.72
C ASN A 231 -12.49 -1.49 30.52
N ARG A 232 -11.65 -2.37 29.97
CA ARG A 232 -10.80 -2.02 28.85
C ARG A 232 -11.40 -2.42 27.51
N LEU A 233 -12.62 -2.95 27.50
CA LEU A 233 -13.23 -3.37 26.24
C LEU A 233 -13.52 -2.18 25.33
N GLN A 234 -13.86 -1.02 25.91
CA GLN A 234 -14.05 0.18 25.11
C GLN A 234 -12.75 0.61 24.44
N GLU A 235 -11.62 0.44 25.12
CA GLU A 235 -10.35 0.79 24.54
C GLU A 235 -10.11 -0.12 23.37
N ALA A 236 -10.56 -1.36 23.49
CA ALA A 236 -10.36 -2.33 22.43
C ALA A 236 -11.23 -2.06 21.23
N LEU A 237 -12.42 -1.54 21.46
CA LEU A 237 -13.28 -1.20 20.36
C LEU A 237 -12.65 -0.07 19.61
N ASN A 238 -12.07 0.88 20.32
CA ASN A 238 -11.49 2.04 19.67
C ASN A 238 -10.26 1.63 18.90
N ASP A 239 -9.58 0.61 19.36
CA ASP A 239 -8.40 0.14 18.67
C ASP A 239 -8.79 -0.50 17.36
N PHE A 240 -9.79 -1.36 17.40
CA PHE A 240 -10.27 -2.00 16.19
C PHE A 240 -10.72 -0.94 15.23
N LYS A 241 -11.36 0.10 15.73
CA LYS A 241 -11.89 1.14 14.87
C LYS A 241 -10.80 1.84 14.12
N SER A 242 -9.72 2.17 14.79
CA SER A 242 -8.67 2.92 14.14
C SER A 242 -7.96 2.05 13.16
N ILE A 243 -7.84 0.77 13.46
CA ILE A 243 -7.25 -0.15 12.53
C ILE A 243 -8.17 -0.28 11.35
N TRP A 244 -9.47 -0.41 11.59
CA TRP A 244 -10.37 -0.66 10.47
C TRP A 244 -10.38 0.50 9.48
N ASN A 245 -10.41 1.71 9.98
CA ASN A 245 -10.53 2.87 9.10
C ASN A 245 -9.22 3.46 8.65
N ASN A 246 -8.10 2.82 8.98
CA ASN A 246 -6.80 3.36 8.62
C ASN A 246 -6.60 3.39 7.15
N ARG A 247 -6.01 4.46 6.65
CA ARG A 247 -5.84 4.63 5.23
C ARG A 247 -5.02 3.57 4.56
N TRP A 248 -4.03 3.05 5.24
CA TRP A 248 -3.14 2.11 4.61
C TRP A 248 -3.73 0.72 4.63
N LEU A 249 -4.46 0.41 5.68
CA LEU A 249 -5.00 -0.91 5.80
C LEU A 249 -6.49 -0.95 5.47
N ARG A 250 -6.91 -0.20 4.46
CA ARG A 250 -8.32 -0.13 4.11
C ARG A 250 -8.70 -1.23 3.16
N THR A 251 -7.74 -2.04 2.78
CA THR A 251 -7.95 -3.20 1.92
C THR A 251 -7.52 -4.50 2.57
N ILE A 252 -7.16 -4.46 3.85
CA ILE A 252 -6.66 -5.63 4.57
C ILE A 252 -7.78 -6.19 5.43
N SER A 253 -8.08 -7.47 5.26
CA SER A 253 -9.10 -8.11 6.06
C SER A 253 -8.58 -8.38 7.47
N VAL A 254 -9.52 -8.41 8.42
CA VAL A 254 -9.20 -8.59 9.83
C VAL A 254 -9.89 -9.85 10.33
N ILE A 255 -9.10 -10.74 10.93
CA ILE A 255 -9.61 -11.92 11.62
C ILE A 255 -9.69 -11.58 13.10
N LEU A 256 -10.90 -11.56 13.64
CA LEU A 256 -11.14 -11.11 15.01
C LEU A 256 -11.25 -12.32 15.92
N PHE A 257 -10.40 -12.37 16.95
CA PHE A 257 -10.41 -13.45 17.93
C PHE A 257 -10.89 -12.88 19.26
N LEU A 258 -12.14 -13.20 19.61
CA LEU A 258 -12.71 -12.83 20.89
C LEU A 258 -12.23 -13.85 21.92
N ASN A 259 -10.99 -13.67 22.36
CA ASN A 259 -10.34 -14.65 23.21
C ASN A 259 -10.94 -14.64 24.61
N LYS A 260 -10.55 -15.63 25.41
CA LYS A 260 -10.94 -15.73 26.82
C LYS A 260 -12.45 -15.85 26.99
N GLN A 261 -13.08 -16.67 26.14
CA GLN A 261 -14.49 -16.99 26.34
C GLN A 261 -14.71 -17.78 27.61
N ASP A 262 -13.78 -18.67 27.97
CA ASP A 262 -13.92 -19.45 29.19
C ASP A 262 -13.95 -18.56 30.42
N LEU A 263 -13.09 -17.54 30.46
CA LEU A 263 -13.13 -16.58 31.57
C LEU A 263 -14.43 -15.80 31.58
N LEU A 264 -14.88 -15.34 30.40
CA LEU A 264 -16.11 -14.56 30.31
C LEU A 264 -17.32 -15.36 30.78
N ALA A 265 -17.30 -16.69 30.56
CA ALA A 265 -18.42 -17.52 30.97
C ALA A 265 -18.70 -17.37 32.46
N GLU A 266 -17.69 -17.54 33.30
CA GLU A 266 -17.86 -17.32 34.73
C GLU A 266 -17.91 -15.84 35.11
N LYS A 267 -17.32 -14.96 34.29
CA LYS A 267 -17.37 -13.54 34.60
C LYS A 267 -18.80 -13.00 34.56
N VAL A 268 -19.58 -13.42 33.56
CA VAL A 268 -20.95 -12.94 33.43
C VAL A 268 -21.96 -13.92 34.02
N LEU A 269 -21.61 -15.20 34.16
CA LEU A 269 -22.52 -16.15 34.77
C LEU A 269 -22.76 -15.83 36.24
N ALA A 270 -21.72 -15.44 36.96
CA ALA A 270 -21.85 -15.06 38.36
C ALA A 270 -22.19 -13.57 38.46
N GLY A 271 -22.39 -13.11 39.70
CA GLY A 271 -22.77 -11.74 39.93
C GLY A 271 -21.58 -10.80 40.16
N LYS A 272 -20.60 -10.85 39.26
CA LYS A 272 -19.46 -9.95 39.38
C LYS A 272 -19.83 -8.53 38.95
N SER A 273 -20.22 -8.37 37.69
CA SER A 273 -20.68 -7.09 37.18
C SER A 273 -21.55 -7.35 35.96
N LYS A 274 -22.39 -6.38 35.63
CA LYS A 274 -23.33 -6.53 34.53
C LYS A 274 -22.96 -5.52 33.45
N ILE A 275 -23.14 -5.90 32.19
CA ILE A 275 -22.55 -5.18 31.07
C ILE A 275 -23.08 -3.75 30.98
N GLU A 276 -24.32 -3.51 31.43
CA GLU A 276 -24.90 -2.19 31.34
C GLU A 276 -24.11 -1.13 32.12
N ASP A 277 -23.28 -1.55 33.08
CA ASP A 277 -22.45 -0.60 33.81
C ASP A 277 -21.46 0.11 32.90
N TYR A 278 -21.12 -0.49 31.76
CA TYR A 278 -20.24 0.12 30.78
C TYR A 278 -20.90 0.31 29.42
N PHE A 279 -21.78 -0.63 29.04
CA PHE A 279 -22.47 -0.57 27.75
C PHE A 279 -24.02 -0.59 28.00
N PRO A 280 -24.71 0.59 28.22
CA PRO A 280 -26.14 0.56 28.52
C PRO A 280 -26.99 -0.10 27.46
N GLU A 281 -26.51 -0.16 26.21
CA GLU A 281 -27.29 -0.75 25.13
C GLU A 281 -27.60 -2.22 25.37
N PHE A 282 -26.88 -2.87 26.28
CA PHE A 282 -27.17 -4.26 26.62
C PHE A 282 -28.53 -4.41 27.29
N ALA A 283 -29.10 -3.32 27.81
CA ALA A 283 -30.39 -3.41 28.48
C ALA A 283 -31.49 -3.85 27.51
N ARG A 284 -31.50 -3.28 26.30
CA ARG A 284 -32.52 -3.59 25.30
C ARG A 284 -32.04 -4.57 24.24
N TYR A 285 -30.81 -5.08 24.36
CA TYR A 285 -30.27 -5.97 23.36
C TYR A 285 -30.96 -7.32 23.38
N THR A 286 -31.18 -7.88 22.19
CA THR A 286 -31.75 -9.20 22.03
C THR A 286 -30.79 -10.08 21.24
N THR A 287 -30.75 -11.36 21.57
CA THR A 287 -29.82 -12.26 20.92
C THR A 287 -30.18 -12.40 19.44
N PRO A 288 -29.18 -12.52 18.56
CA PRO A 288 -29.48 -12.65 17.13
C PRO A 288 -30.17 -13.97 16.83
N GLU A 289 -30.99 -13.96 15.78
CA GLU A 289 -31.70 -15.16 15.38
C GLU A 289 -30.77 -16.18 14.75
N ASP A 290 -29.71 -15.73 14.09
CA ASP A 290 -28.77 -16.64 13.44
C ASP A 290 -27.71 -17.17 14.38
N ALA A 291 -27.72 -16.76 15.65
CA ALA A 291 -26.72 -17.23 16.59
C ALA A 291 -26.85 -18.72 16.84
N THR A 292 -25.72 -19.40 16.89
CA THR A 292 -25.69 -20.84 17.16
C THR A 292 -25.03 -21.12 18.50
N PRO A 293 -25.80 -21.49 19.53
CA PRO A 293 -25.19 -21.79 20.83
C PRO A 293 -24.51 -23.15 20.86
N GLU A 294 -23.97 -23.51 22.01
CA GLU A 294 -23.38 -24.81 22.25
C GLU A 294 -24.32 -25.67 23.08
N PRO A 295 -24.30 -26.99 22.88
CA PRO A 295 -25.30 -27.85 23.54
C PRO A 295 -25.23 -27.77 25.05
N GLY A 296 -26.42 -27.74 25.67
CA GLY A 296 -26.54 -27.80 27.11
C GLY A 296 -25.80 -26.71 27.87
N GLU A 297 -25.92 -25.46 27.45
CA GLU A 297 -25.19 -24.38 28.09
C GLU A 297 -26.09 -23.14 28.18
N ASP A 298 -25.86 -22.33 29.21
CA ASP A 298 -26.76 -21.24 29.54
C ASP A 298 -26.73 -20.14 28.47
N PRO A 299 -27.89 -19.59 28.12
CA PRO A 299 -27.94 -18.59 27.03
C PRO A 299 -27.31 -17.25 27.37
N ARG A 300 -27.12 -16.94 28.66
CA ARG A 300 -26.68 -15.59 29.03
C ARG A 300 -25.30 -15.27 28.46
N VAL A 301 -24.36 -16.22 28.55
CA VAL A 301 -23.02 -15.96 28.03
C VAL A 301 -23.06 -15.82 26.52
N THR A 302 -23.95 -16.56 25.86
CA THR A 302 -24.10 -16.40 24.42
C THR A 302 -24.61 -15.01 24.09
N ARG A 303 -25.58 -14.52 24.86
CA ARG A 303 -26.07 -13.16 24.65
C ARG A 303 -24.95 -12.15 24.81
N ALA A 304 -24.13 -12.29 25.86
CA ALA A 304 -23.06 -11.34 26.10
C ALA A 304 -22.01 -11.39 25.00
N LYS A 305 -21.58 -12.60 24.62
CA LYS A 305 -20.54 -12.74 23.61
C LYS A 305 -21.02 -12.23 22.25
N TYR A 306 -22.28 -12.49 21.91
CA TYR A 306 -22.81 -11.98 20.65
C TYR A 306 -23.02 -10.48 20.71
N PHE A 307 -23.16 -9.93 21.90
CA PHE A 307 -23.26 -8.48 22.02
C PHE A 307 -21.90 -7.90 21.75
N ILE A 308 -20.88 -8.44 22.39
CA ILE A 308 -19.53 -7.94 22.21
C ILE A 308 -19.13 -8.11 20.77
N ARG A 309 -19.45 -9.24 20.19
CA ARG A 309 -19.14 -9.46 18.79
C ARG A 309 -19.77 -8.41 17.97
N ASP A 310 -21.03 -8.10 18.23
CA ASP A 310 -21.73 -7.15 17.40
C ASP A 310 -21.30 -5.73 17.52
N GLU A 311 -20.65 -5.37 18.62
CA GLU A 311 -20.14 -4.02 18.71
C GLU A 311 -18.94 -3.89 17.82
N PHE A 312 -18.15 -4.94 17.74
CA PHE A 312 -17.02 -4.92 16.86
C PHE A 312 -17.52 -4.99 15.43
N LEU A 313 -18.53 -5.80 15.20
CA LEU A 313 -19.07 -5.95 13.85
C LEU A 313 -19.83 -4.72 13.39
N ARG A 314 -20.29 -3.89 14.29
CA ARG A 314 -20.93 -2.66 13.88
C ARG A 314 -19.87 -1.76 13.33
N ILE A 315 -18.78 -1.62 14.07
CA ILE A 315 -17.69 -0.78 13.63
C ILE A 315 -17.21 -1.32 12.31
N SER A 316 -17.05 -2.64 12.18
CA SER A 316 -16.49 -3.10 10.92
C SER A 316 -17.35 -2.70 9.73
N THR A 317 -18.67 -2.82 9.85
CA THR A 317 -19.59 -2.60 8.75
C THR A 317 -20.00 -1.14 8.60
N ALA A 318 -19.62 -0.27 9.53
CA ALA A 318 -19.89 1.17 9.35
C ALA A 318 -19.20 1.70 8.10
N SER A 319 -17.96 1.29 7.86
CA SER A 319 -17.21 1.63 6.68
C SER A 319 -16.78 0.34 5.97
N GLY A 320 -15.96 0.48 4.94
CA GLY A 320 -15.45 -0.68 4.23
C GLY A 320 -16.53 -1.46 3.51
N ASP A 321 -17.08 -0.88 2.45
CA ASP A 321 -18.21 -1.48 1.75
C ASP A 321 -17.90 -2.90 1.31
N GLY A 322 -16.92 -3.06 0.43
CA GLY A 322 -16.60 -4.39 -0.07
C GLY A 322 -15.11 -4.63 -0.27
N ARG A 323 -14.28 -3.68 0.16
CA ARG A 323 -12.84 -3.84 -0.02
C ARG A 323 -12.27 -4.87 0.95
N HIS A 324 -12.73 -4.86 2.19
CA HIS A 324 -12.23 -5.80 3.19
C HIS A 324 -13.35 -6.15 4.15
N TYR A 325 -13.24 -7.34 4.75
CA TYR A 325 -14.26 -7.85 5.66
C TYR A 325 -13.60 -8.27 6.96
N CYS A 326 -14.44 -8.45 7.99
CA CYS A 326 -13.99 -8.88 9.30
C CYS A 326 -14.57 -10.25 9.60
N TYR A 327 -13.70 -11.16 10.04
CA TYR A 327 -14.11 -12.53 10.35
C TYR A 327 -14.09 -12.73 11.87
N PRO A 328 -15.24 -12.79 12.53
CA PRO A 328 -15.24 -12.96 13.99
C PRO A 328 -15.26 -14.42 14.40
N HIS A 329 -14.45 -14.74 15.39
CA HIS A 329 -14.34 -16.10 15.92
C HIS A 329 -14.35 -16.06 17.44
N PHE A 330 -14.94 -17.09 18.03
CA PHE A 330 -14.95 -17.27 19.48
C PHE A 330 -13.90 -18.30 19.83
N THR A 331 -12.84 -17.86 20.52
CA THR A 331 -11.70 -18.71 20.82
C THR A 331 -11.38 -18.64 22.31
N CYS A 332 -10.72 -19.69 22.78
CA CYS A 332 -10.26 -19.79 24.17
C CYS A 332 -8.74 -20.00 24.17
N SER A 333 -8.21 -20.27 25.36
CA SER A 333 -6.78 -20.54 25.51
C SER A 333 -6.42 -21.99 25.27
N VAL A 334 -7.42 -22.87 25.13
CA VAL A 334 -7.18 -24.30 24.93
C VAL A 334 -7.63 -24.76 23.55
N ASP A 335 -7.91 -23.82 22.64
CA ASP A 335 -8.36 -24.17 21.30
C ASP A 335 -7.16 -24.54 20.43
N THR A 336 -7.22 -25.72 19.82
CA THR A 336 -6.16 -26.19 18.95
C THR A 336 -6.45 -25.98 17.46
N GLU A 337 -7.66 -25.55 17.12
CA GLU A 337 -8.07 -25.37 15.74
C GLU A 337 -7.99 -23.92 15.28
N ASN A 338 -7.25 -23.07 16.00
CA ASN A 338 -7.07 -21.68 15.59
C ASN A 338 -6.34 -21.59 14.25
N ALA A 339 -5.33 -22.44 14.04
CA ALA A 339 -4.64 -22.45 12.76
C ALA A 339 -5.57 -22.83 11.62
N ARG A 340 -6.49 -23.78 11.86
CA ARG A 340 -7.47 -24.13 10.85
C ARG A 340 -8.38 -22.96 10.53
N ARG A 341 -8.80 -22.20 11.55
CA ARG A 341 -9.61 -21.02 11.32
C ARG A 341 -8.87 -20.00 10.48
N VAL A 342 -7.60 -19.76 10.80
CA VAL A 342 -6.80 -18.81 10.03
C VAL A 342 -6.67 -19.28 8.59
N PHE A 343 -6.46 -20.59 8.39
CA PHE A 343 -6.34 -21.14 7.04
C PHE A 343 -7.62 -20.96 6.25
N ASN A 344 -8.77 -21.23 6.86
CA ASN A 344 -10.04 -21.07 6.17
C ASN A 344 -10.30 -19.61 5.81
N ASP A 345 -10.03 -18.71 6.74
CA ASP A 345 -10.23 -17.29 6.46
C ASP A 345 -9.27 -16.81 5.38
N CYS A 346 -8.05 -17.35 5.36
CA CYS A 346 -7.11 -16.98 4.30
C CYS A 346 -7.58 -17.47 2.94
N ARG A 347 -8.12 -18.70 2.87
CA ARG A 347 -8.68 -19.15 1.60
C ARG A 347 -9.83 -18.24 1.16
N ASP A 348 -10.69 -17.86 2.10
CA ASP A 348 -11.80 -16.97 1.74
C ASP A 348 -11.29 -15.64 1.21
N ILE A 349 -10.27 -15.08 1.88
CA ILE A 349 -9.72 -13.79 1.45
C ILE A 349 -9.11 -13.90 0.06
N ILE A 350 -8.34 -14.97 -0.18
CA ILE A 350 -7.69 -15.14 -1.48
C ILE A 350 -8.73 -15.33 -2.57
N GLN A 351 -9.75 -16.14 -2.31
CA GLN A 351 -10.79 -16.37 -3.32
C GLN A 351 -11.55 -15.09 -3.61
N ARG A 352 -11.86 -14.29 -2.58
CA ARG A 352 -12.55 -13.04 -2.82
C ARG A 352 -11.68 -12.07 -3.61
N MET A 353 -10.38 -12.03 -3.32
CA MET A 353 -9.47 -11.18 -4.09
C MET A 353 -9.42 -11.61 -5.54
N HIS A 354 -9.34 -12.92 -5.79
CA HIS A 354 -9.31 -13.41 -7.17
C HIS A 354 -10.60 -13.08 -7.90
N LEU A 355 -11.74 -13.21 -7.22
CA LEU A 355 -13.02 -12.84 -7.83
C LEU A 355 -13.08 -11.35 -8.12
N ARG A 356 -12.53 -10.53 -7.22
CA ARG A 356 -12.52 -9.09 -7.44
C ARG A 356 -11.65 -8.72 -8.64
N GLN A 357 -10.52 -9.41 -8.82
CA GLN A 357 -9.70 -9.15 -10.00
C GLN A 357 -10.47 -9.43 -11.29
N TYR A 358 -11.29 -10.48 -11.30
CA TYR A 358 -12.14 -10.79 -12.44
C TYR A 358 -13.42 -9.97 -12.45
N GLU A 359 -13.61 -9.11 -11.45
CA GLU A 359 -14.78 -8.22 -11.37
C GLU A 359 -16.08 -9.01 -11.29
N LEU A 360 -16.02 -10.22 -10.72
CA LEU A 360 -17.24 -10.98 -10.47
C LEU A 360 -17.88 -10.55 -9.15
N LEU A 361 -17.07 -10.39 -8.11
CA LEU A 361 -17.57 -10.00 -6.81
C LEU A 361 -16.61 -9.05 -6.11
N SER B 7 3.22 22.85 43.52
CA SER B 7 4.53 22.54 44.08
C SER B 7 5.62 23.42 43.48
N GLU B 8 6.87 23.00 43.62
CA GLU B 8 7.98 23.74 43.05
C GLU B 8 8.14 23.52 41.56
N LEU B 9 7.57 22.44 41.03
CA LEU B 9 7.71 22.12 39.61
C LEU B 9 6.79 22.94 38.72
N ASP B 10 5.80 23.63 39.29
CA ASP B 10 4.88 24.41 38.46
C ASP B 10 5.58 25.54 37.73
N GLN B 11 6.53 26.21 38.38
CA GLN B 11 7.20 27.33 37.74
C GLN B 11 8.16 26.92 36.63
N LEU B 12 8.51 25.62 36.56
CA LEU B 12 9.38 25.16 35.49
C LEU B 12 8.74 25.38 34.13
N ARG B 13 7.47 25.02 33.98
CA ARG B 13 6.79 25.19 32.69
C ARG B 13 6.67 26.66 32.32
N GLN B 14 6.34 27.51 33.28
CA GLN B 14 6.19 28.92 32.95
C GLN B 14 7.52 29.57 32.59
N GLU B 15 8.61 29.25 33.29
CA GLU B 15 9.88 29.83 32.87
C GLU B 15 10.34 29.24 31.55
N ALA B 16 10.02 27.98 31.28
CA ALA B 16 10.30 27.41 29.96
C ALA B 16 9.56 28.17 28.86
N GLU B 17 8.31 28.58 29.12
CA GLU B 17 7.56 29.25 28.06
C GLU B 17 7.96 30.72 27.93
N GLN B 18 8.46 31.36 29.00
CA GLN B 18 9.17 32.62 28.77
C GLN B 18 10.42 32.44 27.92
N LEU B 19 11.23 31.39 28.15
CA LEU B 19 12.37 31.17 27.26
C LEU B 19 11.92 30.93 25.82
N LYS B 20 10.84 30.17 25.64
CA LYS B 20 10.33 29.93 24.29
C LYS B 20 9.86 31.22 23.63
N ASN B 21 9.17 32.07 24.39
CA ASN B 21 8.73 33.35 23.84
C ASN B 21 9.91 34.24 23.51
N GLN B 22 10.96 34.22 24.34
CA GLN B 22 12.16 34.99 24.06
C GLN B 22 12.80 34.54 22.75
N ILE B 23 12.91 33.23 22.57
CA ILE B 23 13.48 32.71 21.32
C ILE B 23 12.61 33.10 20.13
N ARG B 24 11.29 33.02 20.30
CA ARG B 24 10.38 33.37 19.21
C ARG B 24 10.51 34.83 18.81
N ASP B 25 10.56 35.73 19.80
CA ASP B 25 10.66 37.15 19.47
C ASP B 25 12.04 37.50 18.92
N ALA B 26 13.09 36.82 19.38
CA ALA B 26 14.40 37.02 18.78
C ALA B 26 14.40 36.59 17.31
N ARG B 27 13.76 35.45 17.02
CA ARG B 27 13.65 35.00 15.63
C ARG B 27 12.86 36.00 14.79
N LYS B 28 11.76 36.52 15.35
CA LYS B 28 10.95 37.50 14.63
C LYS B 28 11.74 38.77 14.35
N ALA B 29 12.51 39.24 15.33
CA ALA B 29 13.31 40.44 15.15
C ALA B 29 14.40 40.21 14.10
N CYS B 30 15.03 39.04 14.11
CA CYS B 30 16.08 38.75 13.15
C CYS B 30 15.56 38.51 11.75
N ALA B 31 14.24 38.37 11.58
CA ALA B 31 13.64 38.16 10.26
C ALA B 31 13.16 39.49 9.69
N ASP B 32 14.13 40.29 9.24
CA ASP B 32 13.81 41.60 8.68
C ASP B 32 13.00 41.49 7.40
N ALA B 33 13.36 40.54 6.53
CA ALA B 33 12.70 40.37 5.25
C ALA B 33 12.45 38.88 5.02
N THR B 34 12.05 38.54 3.80
CA THR B 34 11.77 37.15 3.43
C THR B 34 12.55 36.81 2.17
N LEU B 35 12.77 35.51 1.98
CA LEU B 35 13.50 35.04 0.80
C LEU B 35 12.74 35.35 -0.48
N SER B 36 11.42 35.41 -0.41
CA SER B 36 10.63 35.75 -1.60
C SER B 36 10.91 37.17 -2.06
N GLN B 37 11.07 38.11 -1.12
CA GLN B 37 11.35 39.49 -1.49
C GLN B 37 12.68 39.63 -2.21
N ILE B 38 13.69 38.87 -1.77
CA ILE B 38 15.00 38.92 -2.41
C ILE B 38 14.95 38.27 -3.79
N THR B 39 14.05 37.32 -4.00
CA THR B 39 14.02 36.51 -5.22
C THR B 39 12.97 36.96 -6.21
N ASN B 40 12.53 38.22 -6.14
CA ASN B 40 11.54 38.69 -7.10
C ASN B 40 12.12 38.81 -8.51
N ASN B 41 13.39 39.21 -8.61
CA ASN B 41 14.02 39.52 -9.90
C ASN B 41 15.07 38.48 -10.27
N ILE B 42 14.80 37.20 -10.00
CA ILE B 42 15.69 36.12 -10.38
C ILE B 42 15.05 35.34 -11.52
N ASP B 43 15.89 34.65 -12.28
CA ASP B 43 15.42 33.90 -13.44
C ASP B 43 14.75 32.61 -13.00
N PRO B 44 13.49 32.37 -13.33
CA PRO B 44 12.87 31.08 -13.02
C PRO B 44 13.56 29.94 -13.76
N VAL B 45 13.58 28.78 -13.14
CA VAL B 45 14.26 27.62 -13.72
C VAL B 45 13.56 27.17 -14.99
N GLY B 46 12.24 27.26 -15.04
CA GLY B 46 11.48 26.80 -16.20
C GLY B 46 10.91 25.42 -15.98
N ARG B 47 10.47 24.82 -17.08
CA ARG B 47 9.88 23.49 -17.06
C ARG B 47 10.97 22.44 -17.22
N ILE B 48 11.06 21.54 -16.25
CA ILE B 48 12.01 20.43 -16.30
C ILE B 48 11.24 19.17 -16.65
N GLN B 49 11.52 18.63 -17.83
CA GLN B 49 10.90 17.39 -18.31
C GLN B 49 11.95 16.29 -18.30
N MET B 50 11.77 15.31 -17.43
CA MET B 50 12.68 14.18 -17.30
C MET B 50 11.94 12.90 -17.63
N ARG B 51 12.62 12.01 -18.34
CA ARG B 51 12.03 10.73 -18.71
C ARG B 51 12.84 9.59 -18.15
N THR B 52 12.19 8.47 -17.91
CA THR B 52 12.88 7.35 -17.32
C THR B 52 13.84 6.76 -18.29
N ARG B 53 15.09 6.62 -17.87
CA ARG B 53 16.10 6.06 -18.73
C ARG B 53 16.24 4.59 -18.50
N ARG B 54 16.04 4.13 -17.27
CA ARG B 54 16.16 2.71 -16.96
C ARG B 54 15.06 2.31 -16.01
N THR B 55 14.69 1.03 -16.01
CA THR B 55 13.68 0.54 -15.07
C THR B 55 14.22 -0.75 -14.48
N LEU B 56 14.64 -0.70 -13.22
CA LEU B 56 15.26 -1.84 -12.56
C LEU B 56 14.16 -2.71 -11.96
N ARG B 57 13.92 -3.86 -12.56
CA ARG B 57 12.92 -4.82 -12.12
C ARG B 57 13.60 -6.03 -11.48
N GLY B 58 12.91 -6.63 -10.51
CA GLY B 58 13.45 -7.77 -9.81
C GLY B 58 13.06 -7.83 -8.35
N HIS B 59 12.66 -6.69 -7.79
CA HIS B 59 12.12 -6.69 -6.43
C HIS B 59 10.71 -7.25 -6.43
N LEU B 60 10.39 -8.01 -5.38
CA LEU B 60 9.09 -8.67 -5.29
C LEU B 60 8.05 -7.88 -4.52
N ALA B 61 8.47 -7.07 -3.56
CA ALA B 61 7.55 -6.30 -2.73
C ALA B 61 7.90 -4.80 -2.83
N LYS B 62 7.22 -4.00 -2.02
CA LYS B 62 7.42 -2.56 -2.05
C LYS B 62 8.81 -2.20 -1.52
N ILE B 63 9.42 -1.21 -2.16
CA ILE B 63 10.75 -0.72 -1.80
C ILE B 63 10.58 0.43 -0.83
N TYR B 64 11.33 0.41 0.27
CA TYR B 64 11.29 1.53 1.21
C TYR B 64 12.48 2.46 1.14
N ALA B 65 13.67 1.96 0.80
CA ALA B 65 14.84 2.83 0.84
C ALA B 65 15.83 2.42 -0.24
N MET B 66 16.67 3.37 -0.61
CA MET B 66 17.78 3.13 -1.51
C MET B 66 18.88 4.12 -1.19
N HIS B 67 20.08 3.84 -1.69
CA HIS B 67 21.21 4.73 -1.50
C HIS B 67 22.17 4.56 -2.66
N TRP B 68 22.69 5.69 -3.15
CA TRP B 68 23.65 5.67 -4.24
C TRP B 68 25.05 5.43 -3.70
N GLY B 69 25.94 4.99 -4.60
CA GLY B 69 27.34 4.90 -4.27
C GLY B 69 28.06 6.20 -4.54
N THR B 70 29.27 6.32 -3.98
CA THR B 70 30.08 7.50 -4.22
C THR B 70 30.54 7.59 -5.67
N ASP B 71 30.58 6.46 -6.38
CA ASP B 71 30.88 6.48 -7.81
C ASP B 71 29.66 6.82 -8.65
N SER B 72 28.48 6.93 -8.04
CA SER B 72 27.24 7.28 -8.72
C SER B 72 26.89 6.28 -9.83
N ARG B 73 27.29 5.03 -9.66
CA ARG B 73 26.97 3.98 -10.61
C ARG B 73 26.30 2.77 -9.97
N LEU B 74 26.71 2.41 -8.76
CA LEU B 74 26.13 1.27 -8.05
C LEU B 74 25.17 1.78 -6.99
N LEU B 75 23.99 1.19 -6.93
CA LEU B 75 22.99 1.62 -5.96
C LEU B 75 22.37 0.43 -5.25
N VAL B 76 22.15 0.57 -3.95
CA VAL B 76 21.56 -0.49 -3.13
C VAL B 76 20.10 -0.15 -2.87
N SER B 77 19.23 -1.16 -2.97
CA SER B 77 17.80 -0.97 -2.76
C SER B 77 17.28 -2.05 -1.81
N ALA B 78 16.31 -1.65 -0.98
CA ALA B 78 15.73 -2.51 0.04
C ALA B 78 14.23 -2.54 -0.10
N SER B 79 13.67 -3.75 -0.19
CA SER B 79 12.24 -3.97 -0.28
C SER B 79 11.81 -4.94 0.82
N GLN B 80 10.52 -5.23 0.85
CA GLN B 80 9.92 -6.07 1.89
C GLN B 80 9.98 -7.55 1.56
N ASP B 81 10.47 -7.94 0.38
CA ASP B 81 10.65 -9.34 0.08
C ASP B 81 11.81 -9.94 0.87
N GLY B 82 12.60 -9.12 1.55
CA GLY B 82 13.73 -9.61 2.32
C GLY B 82 15.06 -9.59 1.60
N LYS B 83 15.16 -8.88 0.47
CA LYS B 83 16.37 -8.82 -0.31
C LYS B 83 16.93 -7.41 -0.35
N LEU B 84 18.23 -7.30 -0.18
CA LEU B 84 18.99 -6.08 -0.39
C LEU B 84 19.71 -6.25 -1.72
N ILE B 85 19.28 -5.53 -2.75
CA ILE B 85 19.77 -5.74 -4.10
C ILE B 85 20.70 -4.59 -4.48
N ILE B 86 21.92 -4.93 -4.88
CA ILE B 86 22.91 -3.96 -5.33
C ILE B 86 22.92 -4.01 -6.86
N TRP B 87 22.52 -2.91 -7.48
CA TRP B 87 22.32 -2.76 -8.91
C TRP B 87 23.48 -1.98 -9.51
N ASP B 88 23.86 -2.36 -10.73
CA ASP B 88 24.70 -1.55 -11.60
C ASP B 88 23.77 -0.73 -12.48
N SER B 89 23.67 0.57 -12.19
CA SER B 89 22.68 1.41 -12.87
C SER B 89 23.01 1.61 -14.34
N TYR B 90 24.30 1.65 -14.69
CA TYR B 90 24.69 1.94 -16.08
C TYR B 90 24.18 0.87 -17.03
N THR B 91 24.34 -0.40 -16.67
CA THR B 91 23.98 -1.51 -17.54
C THR B 91 22.75 -2.27 -17.06
N THR B 92 22.08 -1.81 -16.01
CA THR B 92 20.87 -2.43 -15.47
C THR B 92 21.17 -3.80 -14.88
N ASN B 93 22.43 -4.22 -14.95
CA ASN B 93 22.83 -5.52 -14.43
C ASN B 93 22.79 -5.52 -12.91
N LYS B 94 22.45 -6.69 -12.35
CA LYS B 94 22.47 -6.83 -10.91
C LYS B 94 23.87 -7.21 -10.51
N VAL B 95 24.33 -6.69 -9.39
CA VAL B 95 25.66 -7.00 -8.87
C VAL B 95 25.57 -7.87 -7.63
N HIS B 96 24.62 -7.62 -6.74
CA HIS B 96 24.50 -8.43 -5.54
C HIS B 96 23.03 -8.59 -5.16
N ALA B 97 22.73 -9.67 -4.45
CA ALA B 97 21.39 -9.90 -3.91
C ALA B 97 21.58 -10.57 -2.55
N ILE B 98 21.54 -9.77 -1.49
CA ILE B 98 21.80 -10.24 -0.13
C ILE B 98 20.47 -10.61 0.52
N PRO B 99 20.26 -11.86 0.92
CA PRO B 99 19.08 -12.18 1.72
C PRO B 99 19.23 -11.65 3.13
N LEU B 100 18.14 -11.10 3.65
CA LEU B 100 18.15 -10.49 4.98
C LEU B 100 17.42 -11.39 5.98
N ARG B 101 17.91 -11.36 7.22
CA ARG B 101 17.30 -12.17 8.27
C ARG B 101 15.86 -11.76 8.54
N SER B 102 15.60 -10.44 8.59
CA SER B 102 14.26 -9.91 8.80
C SER B 102 13.84 -9.16 7.55
N SER B 103 12.66 -9.52 7.02
CA SER B 103 12.18 -8.92 5.78
C SER B 103 11.59 -7.53 5.98
N TRP B 104 11.28 -7.13 7.20
CA TRP B 104 10.69 -5.82 7.46
C TRP B 104 11.79 -4.77 7.62
N VAL B 105 12.31 -4.36 6.46
CA VAL B 105 13.43 -3.43 6.38
C VAL B 105 12.90 -2.07 5.95
N MET B 106 13.19 -1.03 6.74
CA MET B 106 12.72 0.31 6.46
C MET B 106 13.81 1.25 5.98
N THR B 107 15.08 0.85 6.04
CA THR B 107 16.16 1.73 5.62
C THR B 107 17.34 0.90 5.14
N CYS B 108 18.19 1.54 4.36
CA CYS B 108 19.43 0.92 3.89
C CYS B 108 20.44 2.01 3.59
N ALA B 109 21.72 1.66 3.64
CA ALA B 109 22.78 2.61 3.40
C ALA B 109 23.93 1.91 2.68
N TYR B 110 24.75 2.71 2.01
CA TYR B 110 25.89 2.20 1.26
C TYR B 110 27.12 2.99 1.70
N ALA B 111 28.16 2.28 2.13
CA ALA B 111 29.31 2.94 2.71
C ALA B 111 30.02 3.81 1.68
N PRO B 112 30.57 4.95 2.10
CA PRO B 112 31.30 5.80 1.14
C PRO B 112 32.46 5.11 0.48
N SER B 113 33.16 4.23 1.20
CA SER B 113 34.24 3.47 0.59
C SER B 113 33.72 2.39 -0.34
N GLY B 114 32.46 1.99 -0.20
CA GLY B 114 31.88 0.97 -1.05
C GLY B 114 32.06 -0.45 -0.58
N ASN B 115 32.80 -0.67 0.52
CA ASN B 115 33.06 -2.03 0.99
C ASN B 115 31.95 -2.57 1.88
N TYR B 116 31.03 -1.74 2.34
CA TYR B 116 30.02 -2.17 3.30
C TYR B 116 28.66 -1.62 2.92
N VAL B 117 27.61 -2.32 3.36
CA VAL B 117 26.24 -1.82 3.28
C VAL B 117 25.60 -2.02 4.64
N ALA B 118 24.49 -1.32 4.87
CA ALA B 118 23.77 -1.43 6.13
C ALA B 118 22.28 -1.53 5.85
N CYS B 119 21.56 -2.17 6.77
CA CYS B 119 20.12 -2.27 6.65
C CYS B 119 19.50 -2.43 8.04
N GLY B 120 18.31 -1.86 8.22
CA GLY B 120 17.61 -1.96 9.48
C GLY B 120 16.12 -1.85 9.28
N GLY B 121 15.39 -2.16 10.34
CA GLY B 121 13.94 -2.11 10.28
C GLY B 121 13.25 -2.35 11.60
N LEU B 122 12.16 -3.12 11.59
CA LEU B 122 11.40 -3.39 12.80
C LEU B 122 12.14 -4.31 13.75
N ASP B 123 13.17 -5.00 13.28
CA ASP B 123 13.93 -5.90 14.15
C ASP B 123 14.78 -5.14 15.17
N ASN B 124 14.91 -3.82 15.03
CA ASN B 124 15.70 -2.96 15.89
C ASN B 124 17.20 -3.23 15.81
N ILE B 125 17.62 -4.07 14.85
CA ILE B 125 19.03 -4.40 14.67
C ILE B 125 19.52 -3.78 13.37
N CYS B 126 20.68 -3.14 13.43
CA CYS B 126 21.33 -2.59 12.24
C CYS B 126 22.36 -3.61 11.75
N SER B 127 22.07 -4.25 10.63
CA SER B 127 22.97 -5.27 10.08
C SER B 127 23.91 -4.61 9.08
N ILE B 128 25.20 -4.86 9.25
CA ILE B 128 26.25 -4.32 8.39
C ILE B 128 26.89 -5.47 7.65
N TYR B 129 26.83 -5.42 6.32
CA TYR B 129 27.27 -6.48 5.43
C TYR B 129 28.54 -6.07 4.71
N ASN B 130 29.49 -6.99 4.65
CA ASN B 130 30.74 -6.79 3.92
C ASN B 130 30.57 -7.23 2.47
N LEU B 131 31.11 -6.43 1.56
CA LEU B 131 30.97 -6.69 0.13
C LEU B 131 32.25 -7.17 -0.54
N LYS B 132 33.42 -6.78 -0.02
CA LYS B 132 34.70 -7.10 -0.65
C LYS B 132 35.43 -8.21 0.09
N THR B 133 34.70 -9.21 0.58
CA THR B 133 35.32 -10.32 1.29
C THR B 133 36.14 -11.17 0.32
N ARG B 134 37.13 -11.88 0.89
CA ARG B 134 37.99 -12.73 0.08
C ARG B 134 37.21 -13.89 -0.53
N GLU B 135 36.28 -14.47 0.22
CA GLU B 135 35.50 -15.61 -0.25
C GLU B 135 34.55 -15.25 -1.38
N GLY B 136 34.31 -13.96 -1.62
CA GLY B 136 33.42 -13.56 -2.69
C GLY B 136 31.99 -13.34 -2.25
N ASN B 137 31.35 -14.41 -1.77
CA ASN B 137 29.97 -14.31 -1.32
C ASN B 137 29.88 -13.37 -0.12
N VAL B 138 28.90 -12.47 -0.16
CA VAL B 138 28.74 -11.48 0.90
C VAL B 138 28.25 -12.16 2.17
N ARG B 139 28.79 -11.72 3.31
CA ARG B 139 28.41 -12.26 4.61
C ARG B 139 28.17 -11.10 5.57
N VAL B 140 27.36 -11.35 6.59
CA VAL B 140 27.09 -10.33 7.60
C VAL B 140 28.35 -10.08 8.41
N SER B 141 28.71 -8.80 8.54
CA SER B 141 29.92 -8.42 9.25
C SER B 141 29.65 -7.92 10.66
N ARG B 142 28.51 -7.28 10.90
CA ARG B 142 28.21 -6.77 12.22
C ARG B 142 26.70 -6.68 12.40
N GLU B 143 26.28 -6.75 13.67
CA GLU B 143 24.87 -6.62 14.03
C GLU B 143 24.78 -5.71 15.25
N LEU B 144 24.47 -4.43 15.02
CA LEU B 144 24.40 -3.45 16.09
C LEU B 144 23.01 -3.49 16.72
N ALA B 145 22.97 -3.69 18.04
CA ALA B 145 21.74 -3.76 18.80
C ALA B 145 21.83 -2.82 20.00
N GLY B 146 20.66 -2.36 20.45
CA GLY B 146 20.61 -1.42 21.56
C GLY B 146 19.51 -0.39 21.41
N HIS B 147 18.88 -0.35 20.25
CA HIS B 147 17.73 0.53 20.02
C HIS B 147 16.45 -0.20 20.42
N THR B 148 15.66 0.46 21.27
CA THR B 148 14.40 -0.12 21.70
C THR B 148 13.26 0.13 20.74
N GLY B 149 13.48 0.95 19.71
CA GLY B 149 12.50 1.20 18.67
C GLY B 149 13.02 0.78 17.30
N TYR B 150 12.11 0.76 16.34
CA TYR B 150 12.48 0.40 14.98
C TYR B 150 13.43 1.42 14.39
N LEU B 151 14.43 0.95 13.65
CA LEU B 151 15.34 1.84 12.95
C LEU B 151 14.67 2.41 11.71
N SER B 152 14.79 3.73 11.53
CA SER B 152 14.16 4.40 10.40
C SER B 152 15.17 4.95 9.39
N CYS B 153 16.40 5.22 9.80
CA CYS B 153 17.41 5.70 8.88
C CYS B 153 18.79 5.42 9.46
N CYS B 154 19.76 5.20 8.58
CA CYS B 154 21.13 4.97 8.97
C CYS B 154 22.06 5.50 7.89
N ARG B 155 23.15 6.12 8.32
CA ARG B 155 24.12 6.69 7.38
C ARG B 155 25.53 6.41 7.89
N PHE B 156 26.40 6.01 6.96
CA PHE B 156 27.80 5.73 7.29
C PHE B 156 28.58 7.02 7.38
N LEU B 157 29.18 7.29 8.54
CA LEU B 157 30.14 8.38 8.63
C LEU B 157 31.46 7.98 7.98
N ASP B 158 31.90 6.75 8.18
CA ASP B 158 33.07 6.18 7.52
C ASP B 158 32.97 4.67 7.66
N ASP B 159 34.06 3.98 7.33
CA ASP B 159 34.06 2.52 7.39
C ASP B 159 33.98 2.00 8.82
N ASN B 160 34.30 2.82 9.82
CA ASN B 160 34.40 2.35 11.19
C ASN B 160 33.21 2.73 12.05
N GLN B 161 32.51 3.82 11.76
CA GLN B 161 31.41 4.28 12.59
C GLN B 161 30.20 4.60 11.74
N ILE B 162 29.02 4.38 12.31
CA ILE B 162 27.74 4.61 11.66
C ILE B 162 26.85 5.39 12.61
N VAL B 163 25.83 6.03 12.06
CA VAL B 163 24.84 6.77 12.85
C VAL B 163 23.45 6.31 12.40
N THR B 164 22.59 6.02 13.37
CA THR B 164 21.24 5.52 13.11
C THR B 164 20.24 6.32 13.94
N SER B 165 18.98 6.25 13.52
CA SER B 165 17.87 6.84 14.24
C SER B 165 16.80 5.80 14.45
N SER B 166 16.23 5.75 15.64
CA SER B 166 15.26 4.72 15.97
C SER B 166 13.90 5.33 16.24
N GLY B 167 12.92 4.45 16.44
CA GLY B 167 11.57 4.84 16.78
C GLY B 167 11.32 5.09 18.24
N ASP B 168 12.36 5.03 19.08
CA ASP B 168 12.25 5.35 20.49
C ASP B 168 12.75 6.75 20.81
N THR B 169 12.56 7.68 19.87
CA THR B 169 12.94 9.09 20.04
C THR B 169 14.42 9.25 20.36
N THR B 170 15.26 8.43 19.71
CA THR B 170 16.70 8.47 19.96
C THR B 170 17.47 8.35 18.66
N CYS B 171 18.69 8.87 18.67
CA CYS B 171 19.68 8.63 17.64
C CYS B 171 20.94 8.08 18.30
N ALA B 172 21.72 7.32 17.55
CA ALA B 172 22.89 6.67 18.12
C ALA B 172 24.04 6.70 17.14
N LEU B 173 25.24 7.00 17.64
CA LEU B 173 26.48 6.89 16.90
C LEU B 173 27.23 5.69 17.46
N TRP B 174 27.46 4.69 16.60
CA TRP B 174 28.01 3.40 17.00
C TRP B 174 29.49 3.31 16.66
N ASP B 175 30.10 2.19 17.05
CA ASP B 175 31.45 1.83 16.67
C ASP B 175 31.39 0.41 16.11
N ILE B 176 31.54 0.28 14.79
CA ILE B 176 31.32 -1.01 14.14
C ILE B 176 32.36 -2.02 14.58
N GLU B 177 33.59 -1.59 14.83
CA GLU B 177 34.65 -2.51 15.24
C GLU B 177 34.30 -3.21 16.55
N THR B 178 33.76 -2.46 17.52
CA THR B 178 33.37 -3.04 18.80
C THR B 178 31.92 -3.48 18.80
N GLY B 179 31.00 -2.60 18.42
CA GLY B 179 29.60 -2.93 18.39
C GLY B 179 28.82 -2.29 19.53
N GLN B 180 29.33 -1.19 20.06
CA GLN B 180 28.71 -0.49 21.18
C GLN B 180 28.36 0.93 20.78
N GLN B 181 27.31 1.46 21.38
CA GLN B 181 26.88 2.83 21.11
C GLN B 181 27.92 3.79 21.66
N THR B 182 28.70 4.40 20.76
CA THR B 182 29.70 5.38 21.19
C THR B 182 29.02 6.58 21.84
N THR B 183 28.00 7.13 21.19
CA THR B 183 27.26 8.26 21.75
C THR B 183 25.78 8.10 21.45
N THR B 184 24.96 8.74 22.27
CA THR B 184 23.51 8.73 22.10
C THR B 184 22.98 10.15 22.11
N PHE B 185 22.01 10.41 21.24
CA PHE B 185 21.39 11.73 21.10
C PHE B 185 19.92 11.60 21.47
N THR B 186 19.50 12.34 22.49
CA THR B 186 18.13 12.31 22.99
C THR B 186 17.59 13.74 23.05
N GLY B 187 16.26 13.84 23.07
CA GLY B 187 15.60 15.12 23.14
C GLY B 187 14.33 15.18 22.34
N HIS B 188 14.18 14.29 21.37
CA HIS B 188 12.95 14.22 20.59
C HIS B 188 11.84 13.61 21.42
N THR B 189 10.61 14.03 21.14
CA THR B 189 9.43 13.50 21.81
C THR B 189 8.63 12.54 20.94
N GLY B 190 9.10 12.26 19.72
CA GLY B 190 8.40 11.36 18.84
C GLY B 190 9.38 10.52 18.03
N ASP B 191 8.83 9.59 17.26
CA ASP B 191 9.65 8.69 16.46
C ASP B 191 10.51 9.51 15.50
N VAL B 192 11.82 9.28 15.53
CA VAL B 192 12.73 9.98 14.65
C VAL B 192 12.69 9.33 13.28
N MET B 193 12.00 9.95 12.33
CA MET B 193 11.80 9.34 11.02
C MET B 193 13.04 9.38 10.14
N SER B 194 13.79 10.48 10.14
CA SER B 194 14.88 10.53 9.18
C SER B 194 16.04 11.35 9.74
N LEU B 195 17.21 11.14 9.15
CA LEU B 195 18.41 11.90 9.49
C LEU B 195 19.18 12.21 8.22
N SER B 196 19.92 13.30 8.25
CA SER B 196 20.75 13.73 7.14
C SER B 196 22.10 14.19 7.67
N LEU B 197 23.17 13.77 6.98
CA LEU B 197 24.53 14.08 7.38
C LEU B 197 25.07 15.24 6.57
N ALA B 198 25.76 16.16 7.23
CA ALA B 198 26.37 17.29 6.56
C ALA B 198 27.52 16.82 5.67
N PRO B 199 27.85 17.59 4.63
CA PRO B 199 29.01 17.22 3.79
C PRO B 199 30.30 17.09 4.57
N ASP B 200 30.51 17.91 5.60
CA ASP B 200 31.68 17.79 6.45
C ASP B 200 31.58 16.66 7.45
N THR B 201 30.39 16.07 7.62
CA THR B 201 30.16 14.95 8.54
C THR B 201 30.59 15.30 9.96
N ARG B 202 30.36 16.55 10.37
CA ARG B 202 30.65 17.00 11.71
C ARG B 202 29.40 17.27 12.54
N LEU B 203 28.22 17.27 11.92
CA LEU B 203 26.97 17.52 12.60
C LEU B 203 25.84 17.15 11.65
N PHE B 204 24.81 16.48 12.19
CA PHE B 204 23.72 15.95 11.37
C PHE B 204 22.38 16.41 11.93
N VAL B 205 21.37 16.41 11.06
CA VAL B 205 20.02 16.82 11.44
C VAL B 205 19.12 15.59 11.47
N SER B 206 18.11 15.65 12.34
CA SER B 206 17.18 14.54 12.50
C SER B 206 15.76 15.07 12.62
N GLY B 207 14.87 14.61 11.75
CA GLY B 207 13.48 14.99 11.77
C GLY B 207 12.63 13.86 12.34
N ALA B 208 11.77 14.21 13.29
CA ALA B 208 11.03 13.23 14.08
C ALA B 208 9.52 13.44 13.95
N CYS B 209 8.77 12.56 14.61
CA CYS B 209 7.30 12.61 14.61
C CYS B 209 6.76 13.53 15.70
N ASP B 210 7.29 14.75 15.75
CA ASP B 210 6.71 15.78 16.62
C ASP B 210 6.76 17.14 15.94
N ALA B 211 6.79 17.17 14.61
CA ALA B 211 6.96 18.40 13.84
C ALA B 211 8.23 19.14 14.26
N SER B 212 9.30 18.38 14.51
CA SER B 212 10.54 18.97 14.97
C SER B 212 11.73 18.32 14.28
N ALA B 213 12.67 19.17 13.87
CA ALA B 213 13.96 18.75 13.34
C ALA B 213 15.06 19.32 14.22
N LYS B 214 15.93 18.46 14.70
CA LYS B 214 16.99 18.85 15.63
C LYS B 214 18.35 18.71 14.97
N LEU B 215 19.18 19.74 15.12
CA LEU B 215 20.55 19.74 14.65
C LEU B 215 21.46 19.39 15.82
N TRP B 216 22.20 18.30 15.67
CA TRP B 216 23.02 17.72 16.73
C TRP B 216 24.49 18.01 16.48
N ASP B 217 25.34 17.43 17.34
CA ASP B 217 26.79 17.51 17.21
C ASP B 217 27.34 16.11 17.48
N VAL B 218 27.98 15.51 16.48
CA VAL B 218 28.47 14.14 16.64
C VAL B 218 29.58 14.07 17.67
N ARG B 219 30.34 15.16 17.83
CA ARG B 219 31.45 15.17 18.78
C ARG B 219 30.96 15.52 20.19
N GLU B 220 30.26 16.65 20.34
CA GLU B 220 29.77 17.05 21.65
C GLU B 220 28.72 16.08 22.18
N GLY B 221 27.86 15.57 21.30
CA GLY B 221 26.79 14.68 21.72
C GLY B 221 25.56 15.36 22.24
N MET B 222 25.46 16.69 22.14
CA MET B 222 24.33 17.45 22.62
C MET B 222 23.67 18.17 21.46
N CYS B 223 22.36 18.38 21.58
CA CYS B 223 21.60 19.03 20.52
C CYS B 223 22.02 20.48 20.37
N ARG B 224 22.34 20.88 19.15
CA ARG B 224 22.76 22.25 18.88
C ARG B 224 21.57 23.18 18.66
N GLN B 225 20.61 22.76 17.84
CA GLN B 225 19.45 23.61 17.56
C GLN B 225 18.20 22.75 17.42
N THR B 226 17.05 23.39 17.61
CA THR B 226 15.76 22.76 17.39
C THR B 226 14.92 23.65 16.50
N PHE B 227 14.21 23.04 15.54
CA PHE B 227 13.36 23.76 14.60
C PHE B 227 11.98 23.14 14.61
N THR B 228 10.97 23.95 14.88
CA THR B 228 9.58 23.59 14.75
C THR B 228 8.92 24.53 13.76
N GLY B 229 7.65 24.25 13.44
CA GLY B 229 6.96 25.03 12.43
C GLY B 229 6.07 24.20 11.53
N HIS B 230 6.45 22.94 11.32
CA HIS B 230 5.59 22.02 10.61
C HIS B 230 4.33 21.74 11.43
N GLU B 231 3.25 21.32 10.80
CA GLU B 231 2.03 21.09 11.55
C GLU B 231 1.86 19.64 11.92
N SER B 232 2.68 18.79 11.34
CA SER B 232 2.54 17.39 11.60
C SER B 232 3.88 16.72 11.55
N ASP B 233 3.92 15.41 11.69
CA ASP B 233 5.16 14.65 11.76
C ASP B 233 5.95 14.77 10.46
N ILE B 234 7.28 14.86 10.61
CA ILE B 234 8.19 15.02 9.48
C ILE B 234 8.68 13.63 9.06
N ASN B 235 8.61 13.35 7.76
CA ASN B 235 8.92 12.03 7.25
C ASN B 235 10.32 11.92 6.66
N ALA B 236 10.86 12.99 6.08
CA ALA B 236 12.18 12.93 5.47
C ALA B 236 12.80 14.31 5.44
N ILE B 237 14.12 14.36 5.63
CA ILE B 237 14.90 15.59 5.57
C ILE B 237 16.19 15.32 4.80
N CYS B 238 16.84 16.40 4.40
CA CYS B 238 18.10 16.30 3.66
C CYS B 238 18.83 17.62 3.76
N PHE B 239 20.16 17.55 3.84
CA PHE B 239 20.96 18.76 3.87
C PHE B 239 21.02 19.45 2.51
N PHE B 240 21.10 20.78 2.55
CA PHE B 240 21.47 21.55 1.38
C PHE B 240 22.91 21.23 1.00
N PRO B 241 23.24 21.29 -0.29
CA PRO B 241 24.61 20.92 -0.72
C PRO B 241 25.71 21.68 0.00
N ASN B 242 25.50 22.96 0.34
CA ASN B 242 26.53 23.70 1.05
C ASN B 242 26.62 23.35 2.53
N GLY B 243 25.64 22.63 3.07
CA GLY B 243 25.64 22.24 4.46
C GLY B 243 25.17 23.29 5.43
N ASN B 244 24.62 24.41 4.94
CA ASN B 244 24.15 25.48 5.81
C ASN B 244 22.63 25.54 5.90
N ALA B 245 21.92 24.57 5.32
CA ALA B 245 20.47 24.56 5.33
C ALA B 245 20.00 23.13 5.11
N PHE B 246 18.71 22.91 5.35
CA PHE B 246 18.12 21.60 5.11
C PHE B 246 16.63 21.73 4.86
N ALA B 247 16.10 20.83 4.04
CA ALA B 247 14.69 20.82 3.67
C ALA B 247 13.99 19.68 4.36
N THR B 248 12.83 19.94 4.93
CA THR B 248 12.05 18.96 5.67
C THR B 248 10.70 18.80 5.00
N GLY B 249 10.33 17.55 4.71
CA GLY B 249 9.01 17.21 4.19
C GLY B 249 8.21 16.48 5.25
N SER B 250 6.97 16.92 5.44
CA SER B 250 6.12 16.40 6.51
C SER B 250 4.83 15.84 5.92
N ASP B 251 3.98 15.28 6.78
CA ASP B 251 2.70 14.70 6.34
C ASP B 251 1.59 15.73 6.22
N ASP B 252 1.86 16.98 6.53
CA ASP B 252 0.89 18.04 6.32
C ASP B 252 0.92 18.59 4.90
N ALA B 253 1.45 17.81 3.95
CA ALA B 253 1.46 18.16 2.53
C ALA B 253 2.22 19.46 2.25
N THR B 254 3.36 19.64 2.92
CA THR B 254 4.17 20.82 2.66
C THR B 254 5.63 20.49 2.95
N CYS B 255 6.52 21.29 2.36
CA CYS B 255 7.94 21.21 2.61
C CYS B 255 8.42 22.55 3.15
N ARG B 256 9.49 22.53 3.93
CA ARG B 256 10.00 23.76 4.53
C ARG B 256 11.52 23.76 4.47
N LEU B 257 12.10 24.91 4.14
CA LEU B 257 13.54 25.07 4.07
C LEU B 257 14.01 25.81 5.32
N PHE B 258 14.78 25.13 6.16
CA PHE B 258 15.32 25.70 7.38
C PHE B 258 16.78 26.06 7.19
N ASP B 259 17.17 27.20 7.75
CA ASP B 259 18.56 27.67 7.72
C ASP B 259 19.09 27.69 9.14
N LEU B 260 20.24 27.05 9.35
CA LEU B 260 20.82 26.94 10.69
C LEU B 260 21.17 28.32 11.25
N ARG B 261 21.83 29.15 10.43
CA ARG B 261 22.24 30.47 10.90
C ARG B 261 21.04 31.36 11.18
N ALA B 262 20.04 31.34 10.31
CA ALA B 262 18.83 32.13 10.53
C ALA B 262 17.97 31.56 11.66
N ASP B 263 18.12 30.27 11.98
CA ASP B 263 17.44 29.61 13.08
C ASP B 263 15.92 29.62 12.92
N GLN B 264 15.43 29.75 11.69
CA GLN B 264 14.01 29.77 11.42
C GLN B 264 13.77 29.47 9.94
N GLU B 265 12.51 29.29 9.60
CA GLU B 265 12.13 28.95 8.23
C GLU B 265 12.49 30.09 7.27
N LEU B 266 12.77 29.70 6.03
CA LEU B 266 12.93 30.65 4.94
C LEU B 266 11.81 30.56 3.92
N MET B 267 11.52 29.36 3.42
CA MET B 267 10.53 29.19 2.37
C MET B 267 9.72 27.92 2.60
N THR B 268 8.46 27.97 2.18
CA THR B 268 7.52 26.85 2.31
C THR B 268 7.01 26.47 0.93
N TYR B 269 7.06 25.18 0.62
CA TYR B 269 6.58 24.64 -0.66
C TYR B 269 5.28 23.90 -0.42
N SER B 270 4.17 24.45 -0.93
CA SER B 270 2.87 23.83 -0.78
C SER B 270 1.98 24.24 -1.94
N HIS B 271 0.94 23.47 -2.17
CA HIS B 271 -0.03 23.77 -3.22
C HIS B 271 -1.41 23.30 -2.78
N ASP B 272 -2.43 23.92 -3.36
CA ASP B 272 -3.81 23.59 -2.97
C ASP B 272 -4.19 22.18 -3.42
N ASN B 273 -3.80 21.80 -4.64
CA ASN B 273 -4.19 20.49 -5.16
C ASN B 273 -3.60 19.36 -4.35
N ILE B 274 -2.34 19.48 -3.95
CA ILE B 274 -1.68 18.42 -3.20
C ILE B 274 -2.19 18.42 -1.76
N ILE B 275 -2.56 17.25 -1.27
CA ILE B 275 -3.07 17.11 0.10
C ILE B 275 -2.34 15.96 0.78
N CYS B 276 -1.64 15.15 0.01
CA CYS B 276 -0.89 14.02 0.54
C CYS B 276 0.46 14.47 1.08
N GLY B 277 0.99 13.68 2.01
CA GLY B 277 2.26 14.01 2.64
C GLY B 277 3.45 13.71 1.75
N ILE B 278 4.63 14.05 2.27
CA ILE B 278 5.89 13.87 1.57
C ILE B 278 6.63 12.70 2.23
N THR B 279 6.99 11.71 1.43
CA THR B 279 7.71 10.54 1.92
C THR B 279 9.22 10.71 1.88
N SER B 280 9.74 11.35 0.83
CA SER B 280 11.18 11.51 0.67
C SER B 280 11.46 12.86 0.02
N VAL B 281 12.69 13.35 0.24
CA VAL B 281 13.10 14.64 -0.30
C VAL B 281 14.62 14.62 -0.43
N SER B 282 15.13 15.19 -1.52
CA SER B 282 16.56 15.33 -1.69
C SER B 282 16.83 16.46 -2.67
N PHE B 283 17.90 17.21 -2.43
CA PHE B 283 18.26 18.33 -3.28
C PHE B 283 18.96 17.84 -4.54
N SER B 284 19.20 18.77 -5.47
CA SER B 284 20.03 18.48 -6.63
C SER B 284 21.49 18.75 -6.30
N LYS B 285 22.37 18.73 -7.30
CA LYS B 285 23.78 19.00 -7.05
C LYS B 285 24.10 20.46 -6.79
N SER B 286 23.40 21.41 -7.40
CA SER B 286 23.68 22.83 -7.21
C SER B 286 22.80 23.47 -6.15
N GLY B 287 21.92 22.72 -5.51
CA GLY B 287 21.04 23.30 -4.52
C GLY B 287 20.05 24.28 -5.12
N ARG B 288 19.56 24.00 -6.32
CA ARG B 288 18.56 24.83 -6.97
C ARG B 288 17.28 24.07 -7.29
N LEU B 289 17.34 22.76 -7.43
CA LEU B 289 16.18 21.94 -7.82
C LEU B 289 15.92 20.94 -6.70
N LEU B 290 14.77 21.08 -6.05
CA LEU B 290 14.39 20.19 -4.96
C LEU B 290 13.41 19.14 -5.47
N LEU B 291 13.70 17.88 -5.17
CA LEU B 291 12.87 16.75 -5.58
C LEU B 291 12.23 16.15 -4.34
N ALA B 292 10.90 16.05 -4.35
CA ALA B 292 10.16 15.51 -3.22
C ALA B 292 9.13 14.51 -3.73
N GLY B 293 9.01 13.39 -3.01
CA GLY B 293 8.06 12.34 -3.36
C GLY B 293 6.83 12.44 -2.49
N TYR B 294 5.67 12.23 -3.10
CA TYR B 294 4.38 12.34 -2.43
C TYR B 294 3.67 10.99 -2.43
N ASP B 295 2.50 10.96 -1.81
CA ASP B 295 1.67 9.76 -1.76
C ASP B 295 0.69 9.65 -2.92
N ASP B 296 0.66 10.62 -3.83
CA ASP B 296 -0.25 10.62 -4.95
C ASP B 296 0.35 9.95 -6.18
N PHE B 297 1.27 9.00 -5.98
CA PHE B 297 1.86 8.10 -6.96
C PHE B 297 2.93 8.78 -7.82
N ASN B 298 3.19 10.07 -7.63
CA ASN B 298 4.21 10.76 -8.40
C ASN B 298 4.98 11.70 -7.49
N CYS B 299 6.18 12.10 -7.93
CA CYS B 299 7.05 12.96 -7.14
C CYS B 299 7.24 14.28 -7.89
N ASN B 300 6.71 15.35 -7.33
CA ASN B 300 6.91 16.67 -7.90
C ASN B 300 8.31 17.18 -7.60
N VAL B 301 8.90 17.88 -8.57
CA VAL B 301 10.20 18.52 -8.39
C VAL B 301 9.97 20.01 -8.17
N TRP B 302 10.51 20.53 -7.08
CA TRP B 302 10.25 21.90 -6.64
C TRP B 302 11.49 22.75 -6.90
N ASP B 303 11.27 23.91 -7.51
CA ASP B 303 12.33 24.91 -7.66
C ASP B 303 12.52 25.54 -6.28
N ALA B 304 13.51 25.05 -5.54
CA ALA B 304 13.66 25.47 -4.16
C ALA B 304 14.37 26.81 -4.06
N LEU B 305 13.91 27.77 -4.85
CA LEU B 305 14.32 29.17 -4.69
C LEU B 305 13.16 30.14 -4.89
N LYS B 306 12.10 29.75 -5.58
CA LYS B 306 10.92 30.57 -5.77
C LYS B 306 9.64 29.93 -5.25
N ALA B 307 9.71 28.68 -4.78
CA ALA B 307 8.56 27.97 -4.21
C ALA B 307 7.43 27.83 -5.23
N ASP B 308 7.72 27.10 -6.31
CA ASP B 308 6.70 26.73 -7.27
C ASP B 308 7.12 25.45 -7.96
N ARG B 309 6.15 24.68 -8.43
CA ARG B 309 6.44 23.45 -9.15
C ARG B 309 7.08 23.77 -10.50
N ALA B 310 8.07 22.97 -10.87
CA ALA B 310 8.78 23.15 -12.13
C ALA B 310 8.88 21.85 -12.92
N GLY B 311 8.00 20.91 -12.65
CA GLY B 311 7.99 19.63 -13.32
C GLY B 311 7.38 18.57 -12.43
N VAL B 312 6.85 17.52 -13.05
CA VAL B 312 6.24 16.40 -12.35
C VAL B 312 6.78 15.12 -12.95
N LEU B 313 7.20 14.19 -12.10
CA LEU B 313 7.58 12.86 -12.56
C LEU B 313 6.34 11.98 -12.61
N ALA B 314 6.50 10.80 -13.21
CA ALA B 314 5.35 9.93 -13.46
C ALA B 314 5.82 8.49 -13.46
N GLY B 315 5.02 7.60 -13.99
CA GLY B 315 5.40 6.20 -14.14
C GLY B 315 5.05 5.27 -13.01
N HIS B 316 5.33 5.69 -11.78
CA HIS B 316 5.09 4.83 -10.64
C HIS B 316 3.59 4.64 -10.41
N ASP B 317 3.19 3.39 -10.19
CA ASP B 317 1.79 3.04 -9.99
C ASP B 317 1.39 3.06 -8.53
N ASN B 318 2.30 3.40 -7.62
CA ASN B 318 2.00 3.52 -6.20
C ASN B 318 2.82 4.67 -5.64
N ARG B 319 2.69 4.91 -4.34
CA ARG B 319 3.38 6.04 -3.73
C ARG B 319 4.89 5.82 -3.78
N VAL B 320 5.62 6.90 -4.02
CA VAL B 320 7.08 6.83 -4.06
C VAL B 320 7.62 6.92 -2.64
N SER B 321 8.41 5.92 -2.25
CA SER B 321 8.92 5.83 -0.89
C SER B 321 10.33 6.37 -0.74
N CYS B 322 11.19 6.20 -1.74
CA CYS B 322 12.57 6.64 -1.64
C CYS B 322 12.96 7.38 -2.91
N LEU B 323 13.83 8.38 -2.75
CA LEU B 323 14.23 9.23 -3.86
C LEU B 323 15.67 9.69 -3.60
N GLY B 324 16.59 9.26 -4.44
CA GLY B 324 17.99 9.58 -4.28
C GLY B 324 18.57 10.25 -5.52
N VAL B 325 19.60 11.05 -5.31
CA VAL B 325 20.29 11.77 -6.38
C VAL B 325 21.76 11.41 -6.34
N THR B 326 22.34 11.18 -7.51
CA THR B 326 23.74 10.80 -7.60
C THR B 326 24.63 11.95 -7.11
N ASP B 327 25.84 11.58 -6.67
CA ASP B 327 26.78 12.57 -6.16
C ASP B 327 27.24 13.53 -7.25
N ASP B 328 27.27 13.10 -8.50
CA ASP B 328 27.60 13.98 -9.61
C ASP B 328 26.36 14.61 -10.25
N GLY B 329 25.17 14.31 -9.74
CA GLY B 329 23.96 14.92 -10.26
C GLY B 329 23.56 14.47 -11.64
N MET B 330 24.02 13.29 -12.06
CA MET B 330 23.74 12.81 -13.41
C MET B 330 22.43 12.05 -13.54
N ALA B 331 21.87 11.56 -12.43
CA ALA B 331 20.63 10.81 -12.51
C ALA B 331 19.91 10.89 -11.17
N VAL B 332 18.61 10.58 -11.21
CA VAL B 332 17.76 10.58 -10.03
C VAL B 332 17.02 9.24 -9.99
N ALA B 333 17.17 8.51 -8.90
CA ALA B 333 16.50 7.23 -8.76
C ALA B 333 15.30 7.35 -7.82
N THR B 334 14.16 6.83 -8.27
CA THR B 334 12.92 6.87 -7.50
C THR B 334 12.41 5.46 -7.32
N GLY B 335 12.25 5.05 -6.06
CA GLY B 335 11.70 3.75 -5.72
C GLY B 335 10.36 3.93 -5.04
N SER B 336 9.35 3.24 -5.57
CA SER B 336 7.98 3.33 -5.09
C SER B 336 7.53 1.97 -4.58
N TRP B 337 6.24 1.88 -4.26
CA TRP B 337 5.67 0.68 -3.67
C TRP B 337 5.14 -0.30 -4.71
N ASP B 338 5.47 -0.10 -5.98
CA ASP B 338 5.12 -1.04 -7.04
C ASP B 338 6.29 -1.95 -7.39
N SER B 339 7.27 -2.06 -6.50
CA SER B 339 8.44 -2.93 -6.68
C SER B 339 9.25 -2.54 -7.92
N PHE B 340 9.21 -1.28 -8.30
CA PHE B 340 9.95 -0.77 -9.45
C PHE B 340 10.77 0.43 -9.03
N LEU B 341 12.01 0.50 -9.51
CA LEU B 341 12.90 1.61 -9.21
C LEU B 341 13.33 2.23 -10.54
N LYS B 342 12.87 3.45 -10.79
CA LYS B 342 13.14 4.13 -12.05
C LYS B 342 14.35 5.05 -11.92
N ILE B 343 15.05 5.22 -13.05
CA ILE B 343 16.19 6.14 -13.10
C ILE B 343 15.81 7.24 -14.08
N TRP B 344 16.01 8.49 -13.74
CA TRP B 344 15.58 9.65 -14.51
C TRP B 344 16.78 10.53 -14.81
N ASN B 345 16.78 11.12 -16.00
CA ASN B 345 17.85 12.00 -16.40
C ASN B 345 17.17 12.93 -17.37
N ALA C 7 11.03 13.74 39.20
CA ALA C 7 10.34 13.14 38.07
C ALA C 7 10.12 14.17 36.96
N SER C 8 9.03 14.93 37.08
CA SER C 8 8.74 15.98 36.10
C SER C 8 9.81 17.06 36.09
N ILE C 9 10.29 17.43 37.28
CA ILE C 9 11.34 18.46 37.37
C ILE C 9 12.61 17.99 36.69
N ALA C 10 12.97 16.71 36.89
CA ALA C 10 14.20 16.18 36.30
C ALA C 10 14.15 16.21 34.78
N GLN C 11 13.01 15.83 34.19
CA GLN C 11 12.89 15.83 32.74
C GLN C 11 12.71 17.25 32.19
N ALA C 12 12.13 18.15 32.96
CA ALA C 12 11.97 19.53 32.51
C ALA C 12 13.28 20.31 32.58
N ARG C 13 14.18 19.93 33.50
CA ARG C 13 15.45 20.63 33.60
C ARG C 13 16.28 20.47 32.34
N LYS C 14 16.29 19.27 31.75
CA LYS C 14 17.02 19.07 30.51
C LYS C 14 16.44 19.92 29.38
N LEU C 15 15.11 19.97 29.28
CA LEU C 15 14.48 20.77 28.24
C LEU C 15 14.78 22.26 28.40
N VAL C 16 14.70 22.77 29.63
CA VAL C 16 14.96 24.19 29.83
C VAL C 16 16.44 24.51 29.64
N GLU C 17 17.33 23.57 29.97
CA GLU C 17 18.75 23.78 29.69
C GLU C 17 19.01 23.82 28.18
N GLN C 18 18.37 22.92 27.44
CA GLN C 18 18.49 22.95 25.98
C GLN C 18 17.97 24.27 25.42
N LEU C 19 16.86 24.76 25.97
CA LEU C 19 16.36 26.08 25.56
C LEU C 19 17.37 27.17 25.90
N LYS C 20 18.06 27.03 27.03
CA LYS C 20 19.07 28.02 27.41
C LYS C 20 20.21 28.05 26.40
N MET C 21 20.72 26.88 26.00
CA MET C 21 21.73 26.87 24.95
C MET C 21 21.17 27.35 23.62
N GLU C 22 19.87 27.15 23.38
CA GLU C 22 19.26 27.64 22.15
C GLU C 22 19.24 29.16 22.12
N ALA C 23 18.97 29.79 23.26
CA ALA C 23 18.81 31.25 23.29
C ALA C 23 20.12 31.96 22.96
N ASN C 24 21.24 31.52 23.55
CA ASN C 24 22.51 32.21 23.39
C ASN C 24 23.25 31.69 22.15
N ILE C 25 22.61 31.87 21.00
CA ILE C 25 23.17 31.53 19.70
C ILE C 25 23.10 32.76 18.83
N ASP C 26 24.19 33.05 18.12
CA ASP C 26 24.26 34.23 17.25
C ASP C 26 23.40 34.01 16.01
N ARG C 27 22.27 34.69 15.94
CA ARG C 27 21.41 34.62 14.76
C ARG C 27 21.97 35.51 13.66
N ILE C 28 22.06 34.97 12.45
CA ILE C 28 22.44 35.78 11.29
C ILE C 28 21.18 36.29 10.62
N LYS C 29 21.25 37.52 10.11
CA LYS C 29 20.10 38.13 9.44
C LYS C 29 19.65 37.27 8.27
N VAL C 30 18.33 37.11 8.14
CA VAL C 30 17.79 36.22 7.12
C VAL C 30 18.10 36.72 5.71
N SER C 31 18.27 38.04 5.55
CA SER C 31 18.70 38.55 4.26
C SER C 31 20.07 38.01 3.89
N LYS C 32 21.01 38.02 4.84
CA LYS C 32 22.30 37.40 4.64
C LYS C 32 22.21 35.88 4.55
N ALA C 33 21.26 35.27 5.27
CA ALA C 33 21.06 33.83 5.22
C ALA C 33 20.45 33.36 3.91
N ALA C 34 19.87 34.27 3.12
CA ALA C 34 19.32 33.94 1.82
C ALA C 34 20.23 34.36 0.68
N ALA C 35 20.96 35.47 0.84
CA ALA C 35 21.90 35.89 -0.21
C ALA C 35 23.00 34.86 -0.39
N ASP C 36 23.51 34.29 0.71
CA ASP C 36 24.55 33.27 0.60
C ASP C 36 24.04 32.04 -0.13
N LEU C 37 22.82 31.60 0.17
CA LEU C 37 22.25 30.45 -0.52
C LEU C 37 22.02 30.75 -1.99
N MET C 38 21.59 31.98 -2.30
CA MET C 38 21.45 32.40 -3.69
C MET C 38 22.79 32.29 -4.41
N ALA C 39 23.84 32.81 -3.78
CA ALA C 39 25.17 32.77 -4.39
C ALA C 39 25.62 31.34 -4.61
N TYR C 40 25.38 30.47 -3.63
CA TYR C 40 25.79 29.07 -3.79
C TYR C 40 25.03 28.39 -4.91
N CYS C 41 23.72 28.62 -5.00
CA CYS C 41 22.94 27.91 -6.01
C CYS C 41 23.18 28.46 -7.40
N GLU C 42 23.63 29.71 -7.52
CA GLU C 42 23.98 30.23 -8.84
C GLU C 42 25.42 29.92 -9.22
N ALA C 43 26.30 29.69 -8.26
CA ALA C 43 27.70 29.41 -8.56
C ALA C 43 27.93 28.00 -9.08
N HIS C 44 27.08 27.04 -8.70
CA HIS C 44 27.22 25.66 -9.12
C HIS C 44 26.21 25.27 -10.19
N ALA C 45 25.59 26.25 -10.84
CA ALA C 45 24.55 25.96 -11.82
C ALA C 45 25.12 25.22 -13.03
N LYS C 46 26.31 25.61 -13.48
CA LYS C 46 26.89 25.01 -14.68
C LYS C 46 27.20 23.54 -14.48
N GLU C 47 27.65 23.14 -13.28
CA GLU C 47 28.05 21.77 -13.00
C GLU C 47 26.90 20.92 -12.50
N ASP C 48 25.65 21.32 -12.75
CA ASP C 48 24.48 20.56 -12.31
C ASP C 48 23.76 20.03 -13.54
N PRO C 49 23.91 18.75 -13.88
CA PRO C 49 23.24 18.19 -15.07
C PRO C 49 21.81 17.72 -14.79
N LEU C 50 21.05 18.54 -14.07
CA LEU C 50 19.62 18.27 -13.87
C LEU C 50 18.72 19.40 -14.33
N LEU C 51 19.05 20.66 -14.06
CA LEU C 51 18.35 21.79 -14.66
C LEU C 51 19.04 22.29 -15.92
N THR C 52 20.24 21.80 -16.20
CA THR C 52 20.95 22.09 -17.44
C THR C 52 21.12 20.78 -18.21
N PRO C 53 20.31 20.54 -19.24
CA PRO C 53 20.36 19.25 -19.94
C PRO C 53 21.72 19.00 -20.57
N VAL C 54 22.41 17.97 -20.09
CA VAL C 54 23.70 17.55 -20.62
C VAL C 54 23.47 16.89 -21.97
N PRO C 55 24.29 17.18 -22.98
CA PRO C 55 24.13 16.50 -24.27
C PRO C 55 24.38 15.00 -24.15
N ALA C 56 23.72 14.24 -25.03
CA ALA C 56 23.76 12.78 -24.95
C ALA C 56 25.13 12.21 -25.31
N SER C 57 26.05 13.02 -25.82
CA SER C 57 27.38 12.51 -26.19
C SER C 57 28.11 11.96 -24.97
N GLU C 58 28.07 12.66 -23.85
CA GLU C 58 28.72 12.21 -22.62
C GLU C 58 27.72 11.77 -21.56
N ASN C 59 26.45 11.65 -21.91
CA ASN C 59 25.45 11.18 -20.95
C ASN C 59 25.61 9.68 -20.77
N PRO C 60 25.89 9.19 -19.56
CA PRO C 60 26.11 7.75 -19.36
C PRO C 60 24.83 6.93 -19.27
N PHE C 61 23.68 7.58 -19.24
CA PHE C 61 22.42 6.86 -19.08
C PHE C 61 21.58 6.85 -20.35
N ARG C 62 22.15 7.32 -21.45
CA ARG C 62 21.44 7.35 -22.73
C ARG C 62 22.14 6.46 -23.75
N GLN D 3 4.90 25.43 15.44
CA GLN D 3 4.82 25.01 16.84
C GLN D 3 3.36 24.93 17.29
N VAL D 4 2.84 23.70 17.34
CA VAL D 4 1.45 23.50 17.73
C VAL D 4 1.23 23.80 19.20
N GLN D 5 0.06 24.30 19.54
CA GLN D 5 -0.24 24.67 20.92
C GLN D 5 -1.74 24.52 21.14
N LEU D 6 -2.11 23.59 22.02
CA LEU D 6 -3.51 23.37 22.34
C LEU D 6 -3.71 23.73 23.80
N GLN D 7 -4.26 24.91 24.08
CA GLN D 7 -4.46 25.37 25.44
C GLN D 7 -5.94 25.24 25.83
N GLU D 8 -6.18 24.52 26.92
CA GLU D 8 -7.55 24.27 27.39
C GLU D 8 -7.82 25.01 28.69
N SER D 9 -9.09 25.33 28.90
CA SER D 9 -9.52 26.10 30.05
C SER D 9 -10.76 25.45 30.65
N GLY D 10 -11.39 26.15 31.58
CA GLY D 10 -12.56 25.63 32.24
C GLY D 10 -12.20 24.69 33.38
N GLY D 11 -13.19 23.90 33.79
CA GLY D 11 -13.01 22.97 34.89
C GLY D 11 -13.24 23.62 36.24
N GLY D 12 -12.81 22.90 37.27
CA GLY D 12 -12.97 23.35 38.64
C GLY D 12 -13.93 22.46 39.42
N LEU D 13 -13.89 22.64 40.74
CA LEU D 13 -14.71 21.85 41.63
C LEU D 13 -16.17 22.30 41.56
N VAL D 14 -17.06 21.40 41.14
CA VAL D 14 -18.48 21.68 41.04
C VAL D 14 -19.26 20.52 41.65
N GLN D 15 -20.49 20.80 42.05
CA GLN D 15 -21.34 19.77 42.62
C GLN D 15 -21.75 18.76 41.54
N PRO D 16 -22.02 17.51 41.93
CA PRO D 16 -22.46 16.52 40.95
C PRO D 16 -23.76 16.94 40.28
N GLY D 17 -23.88 16.61 38.99
CA GLY D 17 -25.02 17.02 38.20
C GLY D 17 -24.91 18.38 37.57
N GLY D 18 -23.74 19.02 37.62
CA GLY D 18 -23.56 20.33 37.06
C GLY D 18 -23.33 20.31 35.56
N SER D 19 -23.01 21.49 35.03
CA SER D 19 -22.77 21.68 33.60
C SER D 19 -21.56 22.58 33.43
N LEU D 20 -20.51 22.07 32.77
CA LEU D 20 -19.29 22.83 32.57
C LEU D 20 -18.93 22.88 31.10
N ARG D 21 -18.44 24.03 30.65
CA ARG D 21 -18.14 24.25 29.23
C ARG D 21 -16.63 24.36 29.07
N LEU D 22 -15.98 23.23 28.79
CA LEU D 22 -14.55 23.20 28.57
C LEU D 22 -14.22 23.75 27.18
N SER D 23 -13.25 24.65 27.12
CA SER D 23 -12.85 25.32 25.89
C SER D 23 -11.41 24.97 25.55
N CYS D 24 -11.17 24.78 24.25
CA CYS D 24 -9.86 24.40 23.72
C CYS D 24 -9.50 25.38 22.61
N ALA D 25 -8.42 26.12 22.81
CA ALA D 25 -7.92 27.07 21.83
C ALA D 25 -6.67 26.50 21.16
N ALA D 26 -6.68 26.49 19.83
CA ALA D 26 -5.59 25.92 19.04
C ALA D 26 -4.84 27.04 18.33
N SER D 27 -3.51 26.96 18.38
CA SER D 27 -2.67 27.93 17.70
C SER D 27 -1.48 27.21 17.08
N GLY D 28 -1.19 27.52 15.82
CA GLY D 28 -0.06 26.94 15.11
C GLY D 28 -0.42 26.06 13.94
N PHE D 29 -1.70 25.81 13.73
CA PHE D 29 -2.15 24.97 12.63
C PHE D 29 -3.53 25.35 12.12
N THR D 30 -3.86 25.01 10.88
CA THR D 30 -5.21 25.23 10.40
C THR D 30 -6.19 24.36 11.16
N PHE D 31 -7.11 24.98 11.89
CA PHE D 31 -8.01 24.25 12.77
C PHE D 31 -8.96 23.36 11.97
N SER D 32 -9.42 23.84 10.82
CA SER D 32 -10.49 23.17 10.09
C SER D 32 -10.02 21.92 9.34
N ASN D 33 -8.71 21.69 9.23
CA ASN D 33 -8.21 20.57 8.44
C ASN D 33 -8.03 19.29 9.25
N TYR D 34 -8.21 19.34 10.55
CA TYR D 34 -7.94 18.17 11.38
C TYR D 34 -9.15 17.72 12.12
N LYS D 35 -9.21 16.44 12.45
CA LYS D 35 -10.32 15.93 13.24
C LYS D 35 -9.92 16.04 14.69
N MET D 36 -10.71 16.71 15.50
CA MET D 36 -10.30 16.92 16.87
C MET D 36 -10.85 15.89 17.81
N ASN D 37 -10.34 15.82 19.04
CA ASN D 37 -10.70 14.77 19.98
C ASN D 37 -10.68 15.31 21.40
N TRP D 38 -11.54 14.75 22.23
CA TRP D 38 -11.54 14.97 23.67
C TRP D 38 -11.28 13.64 24.35
N VAL D 39 -10.25 13.59 25.19
CA VAL D 39 -9.89 12.40 25.94
C VAL D 39 -9.78 12.78 27.41
N ARG D 40 -9.80 11.76 28.27
CA ARG D 40 -9.70 11.99 29.70
C ARG D 40 -8.76 10.97 30.34
N GLN D 41 -8.07 11.41 31.38
CA GLN D 41 -7.18 10.58 32.18
C GLN D 41 -7.70 10.57 33.61
N ALA D 42 -8.25 9.46 34.03
CA ALA D 42 -8.69 9.38 35.42
C ALA D 42 -7.53 8.94 36.30
N PRO D 43 -7.54 9.32 37.58
CA PRO D 43 -6.48 8.87 38.48
C PRO D 43 -6.45 7.35 38.59
N GLY D 44 -5.24 6.79 38.62
CA GLY D 44 -5.08 5.35 38.69
C GLY D 44 -4.96 4.71 37.32
N LYS D 45 -5.97 4.90 36.47
CA LYS D 45 -5.99 4.28 35.15
C LYS D 45 -5.26 5.19 34.15
N GLY D 46 -5.32 4.82 32.87
CA GLY D 46 -4.64 5.54 31.82
C GLY D 46 -5.58 6.35 30.94
N LEU D 47 -5.04 6.75 29.78
CA LEU D 47 -5.80 7.57 28.85
C LEU D 47 -6.94 6.78 28.23
N GLU D 48 -8.06 7.46 27.99
CA GLU D 48 -9.20 6.86 27.32
C GLU D 48 -9.87 7.91 26.45
N TRP D 49 -10.29 7.50 25.25
CA TRP D 49 -10.92 8.40 24.31
C TRP D 49 -12.37 8.62 24.69
N VAL D 50 -12.84 9.87 24.56
CA VAL D 50 -14.18 10.26 24.96
C VAL D 50 -15.01 10.68 23.76
N SER D 51 -14.57 11.69 23.02
CA SER D 51 -15.39 12.24 21.95
C SER D 51 -14.51 12.66 20.78
N ASP D 52 -15.12 12.77 19.60
CA ASP D 52 -14.43 13.22 18.41
C ASP D 52 -15.35 14.12 17.59
N ILE D 53 -14.74 14.94 16.74
CA ILE D 53 -15.50 15.79 15.83
C ILE D 53 -14.68 15.97 14.55
N SER D 54 -15.37 15.85 13.41
CA SER D 54 -14.72 15.86 12.11
C SER D 54 -14.39 17.29 11.69
N GLN D 55 -13.89 17.44 10.47
CA GLN D 55 -13.47 18.76 9.99
C GLN D 55 -14.65 19.73 9.92
N SER D 56 -15.71 19.32 9.24
CA SER D 56 -16.88 20.20 9.11
C SER D 56 -17.71 20.23 10.39
N GLY D 57 -17.72 19.14 11.14
CA GLY D 57 -18.55 19.02 12.32
C GLY D 57 -19.75 18.12 12.16
N ALA D 58 -19.85 17.38 11.06
CA ALA D 58 -20.99 16.49 10.84
C ALA D 58 -20.85 15.20 11.63
N SER D 59 -19.76 14.46 11.40
CA SER D 59 -19.56 13.20 12.09
C SER D 59 -19.22 13.43 13.55
N ILE D 60 -20.06 12.91 14.44
CA ILE D 60 -19.87 13.05 15.88
C ILE D 60 -20.13 11.69 16.53
N SER D 61 -19.18 11.22 17.32
CA SER D 61 -19.34 9.97 18.06
C SER D 61 -18.90 10.18 19.50
N TYR D 62 -19.55 9.45 20.40
CA TYR D 62 -19.29 9.56 21.83
C TYR D 62 -19.00 8.19 22.42
N THR D 63 -18.24 8.19 23.50
CA THR D 63 -18.09 6.98 24.30
C THR D 63 -19.40 6.66 25.00
N GLY D 64 -19.75 5.37 25.06
CA GLY D 64 -21.03 4.96 25.62
C GLY D 64 -21.22 5.40 27.05
N SER D 65 -20.13 5.53 27.82
CA SER D 65 -20.24 5.94 29.21
C SER D 65 -20.68 7.39 29.37
N VAL D 66 -20.51 8.22 28.34
CA VAL D 66 -20.89 9.63 28.42
C VAL D 66 -21.78 9.99 27.26
N LYS D 67 -22.46 8.99 26.68
CA LYS D 67 -23.33 9.24 25.53
C LYS D 67 -24.57 10.01 25.97
N GLY D 68 -24.87 11.09 25.25
CA GLY D 68 -26.05 11.89 25.54
C GLY D 68 -25.82 12.92 26.62
N ARG D 69 -24.95 12.62 27.59
CA ARG D 69 -24.72 13.53 28.70
C ARG D 69 -23.83 14.71 28.28
N PHE D 70 -22.85 14.46 27.43
CA PHE D 70 -21.91 15.50 26.99
C PHE D 70 -22.15 15.81 25.52
N THR D 71 -21.84 17.05 25.13
CA THR D 71 -21.93 17.45 23.74
C THR D 71 -20.64 18.14 23.32
N ILE D 72 -20.32 18.04 22.03
CA ILE D 72 -19.09 18.58 21.48
C ILE D 72 -19.44 19.47 20.30
N SER D 73 -18.68 20.55 20.13
CA SER D 73 -18.89 21.46 19.02
C SER D 73 -17.57 22.09 18.62
N ARG D 74 -17.49 22.56 17.38
CA ARG D 74 -16.30 23.19 16.85
C ARG D 74 -16.67 24.56 16.31
N ASP D 75 -15.83 25.56 16.60
CA ASP D 75 -15.97 26.90 16.05
C ASP D 75 -14.72 27.18 15.23
N ASN D 76 -14.84 27.06 13.91
CA ASN D 76 -13.69 27.25 13.03
C ASN D 76 -13.28 28.71 12.96
N ALA D 77 -14.24 29.63 13.11
CA ALA D 77 -13.92 31.05 13.05
C ALA D 77 -12.98 31.46 14.18
N LYS D 78 -13.22 30.94 15.39
CA LYS D 78 -12.38 31.25 16.54
C LYS D 78 -11.30 30.22 16.77
N ASN D 79 -11.24 29.16 15.95
CA ASN D 79 -10.28 28.06 16.12
C ASN D 79 -10.41 27.45 17.51
N THR D 80 -11.65 27.13 17.90
CA THR D 80 -11.93 26.65 19.25
C THR D 80 -12.76 25.38 19.22
N LEU D 81 -12.63 24.59 20.28
CA LEU D 81 -13.37 23.36 20.48
C LEU D 81 -14.08 23.45 21.82
N TYR D 82 -15.38 23.14 21.84
CA TYR D 82 -16.17 23.21 23.06
C TYR D 82 -16.69 21.84 23.44
N LEU D 83 -16.59 21.50 24.72
CA LEU D 83 -17.21 20.31 25.28
C LEU D 83 -18.09 20.74 26.44
N GLN D 84 -19.40 20.58 26.30
CA GLN D 84 -20.35 20.98 27.32
C GLN D 84 -20.81 19.75 28.07
N MET D 85 -20.77 19.81 29.40
CA MET D 85 -20.88 18.66 30.27
C MET D 85 -22.10 18.82 31.17
N ASN D 86 -22.96 17.81 31.16
CA ASN D 86 -24.18 17.79 31.97
C ASN D 86 -24.23 16.51 32.79
N SER D 87 -24.89 16.59 33.95
CA SER D 87 -25.11 15.45 34.84
C SER D 87 -23.79 14.77 35.21
N LEU D 88 -22.94 15.55 35.90
CA LEU D 88 -21.65 15.02 36.33
C LEU D 88 -21.81 13.90 37.33
N LYS D 89 -20.84 12.99 37.32
CA LYS D 89 -20.81 11.83 38.21
C LYS D 89 -19.45 11.77 38.90
N PRO D 90 -19.37 11.13 40.07
CA PRO D 90 -18.08 11.02 40.75
C PRO D 90 -17.02 10.28 39.95
N GLU D 91 -17.42 9.44 39.01
CA GLU D 91 -16.46 8.70 38.19
C GLU D 91 -15.93 9.51 37.01
N ASP D 92 -16.42 10.73 36.82
CA ASP D 92 -15.94 11.60 35.76
C ASP D 92 -14.81 12.52 36.21
N THR D 93 -14.34 12.37 37.44
CA THR D 93 -13.23 13.17 37.94
C THR D 93 -11.95 12.76 37.21
N ALA D 94 -11.51 13.56 36.26
CA ALA D 94 -10.36 13.21 35.44
C ALA D 94 -9.76 14.48 34.85
N VAL D 95 -8.51 14.37 34.39
CA VAL D 95 -7.87 15.44 33.65
C VAL D 95 -8.29 15.33 32.19
N TYR D 96 -8.83 16.41 31.63
CA TYR D 96 -9.40 16.39 30.29
C TYR D 96 -8.40 16.98 29.31
N TYR D 97 -7.98 16.17 28.35
CA TYR D 97 -7.03 16.58 27.33
C TYR D 97 -7.73 16.81 26.00
N CYS D 98 -7.33 17.87 25.31
CA CYS D 98 -7.80 18.21 23.98
C CYS D 98 -6.74 17.78 22.97
N ALA D 99 -7.09 16.83 22.12
CA ALA D 99 -6.13 16.28 21.17
C ALA D 99 -6.43 16.63 19.73
N ARG D 100 -5.52 16.30 18.83
CA ARG D 100 -5.73 16.56 17.43
C ARG D 100 -5.63 15.25 16.74
N CYS D 101 -5.38 15.27 15.45
CA CYS D 101 -5.21 14.07 14.72
C CYS D 101 -3.92 14.36 14.01
N PRO D 102 -3.03 13.40 13.91
CA PRO D 102 -1.80 13.78 13.23
C PRO D 102 -1.96 14.05 11.74
N ALA D 103 -2.73 13.18 11.12
CA ALA D 103 -2.92 13.29 9.70
C ALA D 103 -4.09 14.21 9.33
N PRO D 104 -3.87 15.27 8.50
CA PRO D 104 -5.02 16.06 8.04
C PRO D 104 -5.80 15.35 6.95
N PHE D 105 -7.08 15.72 6.87
CA PHE D 105 -8.01 15.16 5.87
C PHE D 105 -8.11 13.64 5.99
N THR D 106 -8.06 13.16 7.22
CA THR D 106 -8.22 11.73 7.43
C THR D 106 -9.30 11.44 8.45
N ARG D 107 -9.89 10.27 8.35
CA ARG D 107 -10.95 9.85 9.27
C ARG D 107 -10.45 9.02 10.44
N ASP D 108 -9.24 8.47 10.36
CA ASP D 108 -8.72 7.59 11.40
C ASP D 108 -7.28 7.97 11.72
N CYS D 109 -6.98 8.01 13.02
CA CYS D 109 -5.62 8.25 13.50
C CYS D 109 -5.52 7.84 14.95
N PHE D 110 -4.29 7.60 15.41
CA PHE D 110 -4.03 7.05 16.74
C PHE D 110 -3.53 8.16 17.65
N ASP D 111 -4.29 8.47 18.72
CA ASP D 111 -3.94 9.56 19.64
C ASP D 111 -4.24 9.24 21.09
N VAL D 112 -4.91 8.12 21.34
CA VAL D 112 -5.30 7.78 22.70
C VAL D 112 -4.08 7.18 23.39
N THR D 113 -2.93 7.27 22.74
CA THR D 113 -1.71 6.67 23.25
C THR D 113 -1.29 7.32 24.56
N SER D 114 -0.23 6.78 25.16
CA SER D 114 0.24 7.23 26.45
C SER D 114 1.02 8.54 26.27
N THR D 115 1.77 8.93 27.30
CA THR D 115 2.49 10.19 27.29
C THR D 115 3.46 10.26 26.12
N THR D 116 4.03 11.45 25.94
CA THR D 116 4.93 11.78 24.83
C THR D 116 4.20 11.71 23.50
N TYR D 117 2.91 12.11 23.47
CA TYR D 117 2.16 12.26 22.20
C TYR D 117 2.30 13.75 21.98
N ALA D 118 2.69 14.22 20.80
CA ALA D 118 3.03 15.61 20.54
C ALA D 118 1.80 16.52 20.58
N TYR D 119 0.77 16.20 19.80
CA TYR D 119 -0.39 17.10 19.66
C TYR D 119 -1.49 16.92 20.67
N ARG D 120 -1.18 17.14 21.92
CA ARG D 120 -2.13 17.03 23.02
C ARG D 120 -1.89 18.15 24.02
N GLY D 121 -2.95 18.59 24.69
CA GLY D 121 -2.85 19.68 25.62
C GLY D 121 -2.35 19.24 26.99
N GLN D 122 -2.23 20.23 27.88
CA GLN D 122 -1.74 19.98 29.23
C GLN D 122 -2.81 19.44 30.16
N GLY D 123 -4.08 19.73 29.89
CA GLY D 123 -5.18 19.20 30.66
C GLY D 123 -5.65 20.16 31.74
N THR D 124 -6.90 19.95 32.16
CA THR D 124 -7.51 20.71 33.24
C THR D 124 -8.10 19.74 34.24
N GLN D 125 -7.73 19.90 35.52
CA GLN D 125 -8.23 19.03 36.57
C GLN D 125 -9.64 19.45 36.95
N VAL D 126 -10.63 18.64 36.56
CA VAL D 126 -12.02 18.86 36.91
C VAL D 126 -12.46 17.75 37.86
N THR D 127 -13.04 18.13 38.99
CA THR D 127 -13.47 17.18 40.00
C THR D 127 -14.81 17.62 40.56
N VAL D 128 -15.54 16.65 41.12
CA VAL D 128 -16.86 16.90 41.69
C VAL D 128 -16.79 16.74 43.20
N SER D 129 -17.67 17.45 43.89
CA SER D 129 -17.69 17.42 45.34
C SER D 129 -18.30 16.11 45.85
N SER D 130 -18.08 15.85 47.13
CA SER D 130 -18.61 14.65 47.77
C SER D 130 -20.10 14.77 48.01
N ALA E 110 -33.14 -13.40 -51.89
CA ALA E 110 -34.12 -12.46 -51.36
C ALA E 110 -33.45 -11.29 -50.66
N LYS E 111 -34.25 -10.28 -50.30
CA LYS E 111 -33.71 -9.11 -49.62
C LYS E 111 -33.15 -9.45 -48.25
N MET E 112 -33.84 -10.31 -47.49
CA MET E 112 -33.38 -10.64 -46.15
C MET E 112 -32.10 -11.48 -46.19
N TYR E 113 -31.92 -12.29 -47.24
CA TYR E 113 -30.62 -12.90 -47.47
C TYR E 113 -29.52 -11.87 -47.53
N SER E 114 -29.72 -10.81 -48.34
CA SER E 114 -28.69 -9.79 -48.48
C SER E 114 -28.49 -9.03 -47.17
N SER E 115 -29.57 -8.78 -46.43
CA SER E 115 -29.43 -8.11 -45.14
C SER E 115 -28.58 -8.94 -44.19
N PHE E 116 -28.84 -10.25 -44.12
CA PHE E 116 -28.03 -11.11 -43.27
C PHE E 116 -26.58 -11.15 -43.73
N GLN E 117 -26.37 -11.22 -45.05
CA GLN E 117 -25.01 -11.27 -45.59
C GLN E 117 -24.21 -10.04 -45.20
N VAL E 118 -24.78 -8.85 -45.41
CA VAL E 118 -24.07 -7.65 -45.02
C VAL E 118 -23.95 -7.57 -43.50
N MET E 119 -24.92 -8.12 -42.77
CA MET E 119 -24.93 -7.98 -41.33
C MET E 119 -23.78 -8.74 -40.68
N TYR E 120 -23.55 -10.00 -41.08
CA TYR E 120 -22.51 -10.72 -40.36
C TYR E 120 -21.13 -10.17 -40.70
N THR E 121 -20.93 -9.71 -41.93
CA THR E 121 -19.66 -9.10 -42.28
C THR E 121 -19.43 -7.80 -41.53
N VAL E 122 -20.46 -6.94 -41.40
CA VAL E 122 -20.27 -5.70 -40.66
C VAL E 122 -20.03 -6.00 -39.18
N GLY E 123 -20.70 -7.04 -38.65
CA GLY E 123 -20.43 -7.44 -37.28
C GLY E 123 -19.01 -7.94 -37.09
N TYR E 124 -18.51 -8.72 -38.03
CA TYR E 124 -17.13 -9.19 -37.96
C TYR E 124 -16.15 -8.04 -38.03
N SER E 125 -16.42 -7.05 -38.89
CA SER E 125 -15.54 -5.89 -38.99
C SER E 125 -15.52 -5.11 -37.69
N LEU E 126 -16.70 -4.86 -37.10
CA LEU E 126 -16.75 -4.16 -35.83
C LEU E 126 -16.04 -4.93 -34.74
N SER E 127 -16.23 -6.25 -34.70
CA SER E 127 -15.55 -7.07 -33.70
C SER E 127 -14.04 -7.01 -33.87
N LEU E 128 -13.56 -7.07 -35.11
CA LEU E 128 -12.12 -6.99 -35.36
C LEU E 128 -11.56 -5.65 -34.90
N GLY E 129 -12.26 -4.55 -35.21
CA GLY E 129 -11.81 -3.25 -34.75
C GLY E 129 -11.76 -3.14 -33.24
N ALA E 130 -12.82 -3.62 -32.58
CA ALA E 130 -12.86 -3.57 -31.12
C ALA E 130 -11.76 -4.44 -30.51
N LEU E 131 -11.49 -5.60 -31.10
CA LEU E 131 -10.45 -6.48 -30.58
C LEU E 131 -9.07 -5.87 -30.76
N LEU E 132 -8.82 -5.22 -31.89
CA LEU E 132 -7.55 -4.52 -32.07
C LEU E 132 -7.39 -3.40 -31.05
N LEU E 133 -8.46 -2.64 -30.82
CA LEU E 133 -8.40 -1.58 -29.81
C LEU E 133 -8.13 -2.16 -28.43
N ALA E 134 -8.79 -3.27 -28.08
CA ALA E 134 -8.59 -3.89 -26.79
C ALA E 134 -7.16 -4.41 -26.62
N LEU E 135 -6.61 -5.00 -27.68
CA LEU E 135 -5.23 -5.45 -27.63
C LEU E 135 -4.27 -4.28 -27.44
N ALA E 136 -4.52 -3.17 -28.13
CA ALA E 136 -3.69 -1.98 -27.95
C ALA E 136 -3.76 -1.47 -26.51
N ILE E 137 -4.97 -1.43 -25.93
CA ILE E 137 -5.11 -0.99 -24.55
C ILE E 137 -4.39 -1.93 -23.61
N LEU E 138 -4.52 -3.24 -23.83
CA LEU E 138 -3.86 -4.21 -22.97
C LEU E 138 -2.34 -4.08 -23.03
N GLY E 139 -1.79 -3.91 -24.23
CA GLY E 139 -0.36 -3.85 -24.41
C GLY E 139 0.26 -2.47 -24.35
N GLY E 140 -0.51 -1.42 -24.05
CA GLY E 140 0.06 -0.09 -24.05
C GLY E 140 -0.15 0.73 -22.78
N LEU E 141 -0.18 0.08 -21.62
CA LEU E 141 -0.31 0.76 -20.36
C LEU E 141 0.80 0.34 -19.41
N SER E 142 1.08 1.20 -18.42
CA SER E 142 2.16 0.95 -17.48
C SER E 142 1.91 -0.34 -16.70
N LYS E 143 0.70 -0.51 -16.17
CA LYS E 143 0.28 -1.78 -15.58
C LYS E 143 0.00 -2.71 -16.74
N LEU E 144 1.07 -3.25 -17.32
CA LEU E 144 1.02 -3.89 -18.63
C LEU E 144 0.08 -5.07 -18.66
N HIS E 145 0.39 -6.13 -17.93
CA HIS E 145 -0.44 -7.32 -17.96
C HIS E 145 -0.06 -8.26 -16.83
N CYS E 146 -0.97 -9.16 -16.51
CA CYS E 146 -0.74 -10.30 -15.64
C CYS E 146 -1.04 -11.57 -16.44
N THR E 147 -1.06 -12.71 -15.76
CA THR E 147 -1.41 -13.95 -16.44
C THR E 147 -2.82 -13.90 -17.00
N ARG E 148 -3.77 -13.37 -16.22
CA ARG E 148 -5.14 -13.25 -16.69
C ARG E 148 -5.22 -12.32 -17.90
N ASN E 149 -4.55 -11.17 -17.83
CA ASN E 149 -4.54 -10.24 -18.96
C ASN E 149 -3.87 -10.86 -20.17
N ALA E 150 -2.81 -11.63 -19.96
CA ALA E 150 -2.14 -12.28 -21.08
C ALA E 150 -3.05 -13.31 -21.75
N ILE E 151 -3.77 -14.10 -20.96
CA ILE E 151 -4.70 -15.06 -21.54
C ILE E 151 -5.82 -14.35 -22.28
N HIS E 152 -6.30 -13.23 -21.73
CA HIS E 152 -7.32 -12.44 -22.43
C HIS E 152 -6.78 -11.91 -23.75
N ALA E 153 -5.53 -11.46 -23.77
CA ALA E 153 -4.93 -10.97 -25.01
C ALA E 153 -4.79 -12.08 -26.04
N ASN E 154 -4.42 -13.28 -25.60
CA ASN E 154 -4.33 -14.41 -26.51
C ASN E 154 -5.70 -14.78 -27.07
N LEU E 155 -6.74 -14.74 -26.23
CA LEU E 155 -8.09 -14.98 -26.71
C LEU E 155 -8.51 -13.92 -27.73
N PHE E 156 -8.15 -12.66 -27.47
CA PHE E 156 -8.42 -11.60 -28.42
C PHE E 156 -7.71 -11.85 -29.75
N ALA E 157 -6.47 -12.34 -29.69
CA ALA E 157 -5.73 -12.66 -30.90
C ALA E 157 -6.41 -13.78 -31.68
N SER E 158 -6.90 -14.80 -30.97
CA SER E 158 -7.61 -15.87 -31.66
C SER E 158 -8.89 -15.35 -32.32
N PHE E 159 -9.61 -14.47 -31.64
CA PHE E 159 -10.80 -13.87 -32.21
C PHE E 159 -10.45 -13.04 -33.45
N VAL E 160 -9.34 -12.31 -33.39
CA VAL E 160 -8.87 -11.53 -34.54
C VAL E 160 -8.56 -12.46 -35.70
N LEU E 161 -7.93 -13.60 -35.41
CA LEU E 161 -7.63 -14.58 -36.45
C LEU E 161 -8.91 -15.07 -37.12
N LYS E 162 -9.92 -15.41 -36.30
CA LYS E 162 -11.21 -15.82 -36.85
C LYS E 162 -11.81 -14.74 -37.75
N ALA E 163 -11.83 -13.50 -37.26
CA ALA E 163 -12.44 -12.42 -38.01
C ALA E 163 -11.71 -12.17 -39.32
N SER E 164 -10.37 -12.19 -39.28
CA SER E 164 -9.59 -11.99 -40.49
C SER E 164 -9.83 -13.11 -41.50
N SER E 165 -9.88 -14.35 -41.03
CA SER E 165 -10.16 -15.46 -41.95
C SER E 165 -11.53 -15.30 -42.60
N VAL E 166 -12.54 -14.94 -41.80
CA VAL E 166 -13.88 -14.78 -42.34
C VAL E 166 -13.91 -13.65 -43.38
N LEU E 167 -13.26 -12.52 -43.06
CA LEU E 167 -13.26 -11.40 -44.01
C LEU E 167 -12.55 -11.77 -45.30
N VAL E 168 -11.42 -12.47 -45.21
CA VAL E 168 -10.68 -12.85 -46.40
C VAL E 168 -11.49 -13.82 -47.26
N ILE E 169 -12.12 -14.81 -46.63
CA ILE E 169 -12.88 -15.77 -47.42
C ILE E 169 -14.11 -15.11 -48.05
N ASP E 170 -14.75 -14.18 -47.33
CA ASP E 170 -15.87 -13.46 -47.91
C ASP E 170 -15.44 -12.60 -49.09
N GLY E 171 -14.31 -11.90 -48.96
CA GLY E 171 -13.83 -11.08 -50.06
C GLY E 171 -13.46 -11.92 -51.28
N LEU E 172 -12.81 -13.05 -51.05
CA LEU E 172 -12.46 -13.94 -52.17
C LEU E 172 -13.70 -14.53 -52.82
N LEU E 173 -14.72 -14.90 -52.03
CA LEU E 173 -15.95 -15.40 -52.62
C LEU E 173 -16.65 -14.32 -53.43
N ARG E 174 -16.66 -13.08 -52.93
CA ARG E 174 -17.26 -11.98 -53.69
C ARG E 174 -16.51 -11.70 -54.99
N THR E 175 -15.18 -11.76 -54.96
CA THR E 175 -14.39 -11.44 -56.14
C THR E 175 -14.45 -12.57 -57.17
N ARG E 176 -14.00 -13.76 -56.79
CA ARG E 176 -13.97 -14.88 -57.74
C ARG E 176 -15.37 -15.29 -58.17
N TYR E 177 -16.31 -15.35 -57.22
CA TYR E 177 -17.67 -15.75 -57.54
C TYR E 177 -18.65 -14.59 -57.32
N ALA E 195 -9.01 -16.68 -56.27
CA ALA E 195 -8.34 -17.91 -56.64
C ALA E 195 -8.80 -19.07 -55.77
N VAL E 196 -8.87 -20.26 -56.36
CA VAL E 196 -9.31 -21.45 -55.62
C VAL E 196 -8.28 -21.82 -54.54
N ALA E 197 -6.99 -21.63 -54.83
CA ALA E 197 -5.97 -21.89 -53.82
C ALA E 197 -6.13 -20.96 -52.62
N GLY E 198 -6.43 -19.69 -52.90
CA GLY E 198 -6.73 -18.76 -51.81
C GLY E 198 -7.94 -19.17 -51.01
N CYS E 199 -8.99 -19.64 -51.71
CA CYS E 199 -10.21 -20.07 -51.02
C CYS E 199 -9.85 -21.22 -50.09
N ARG E 200 -8.98 -22.11 -50.54
CA ARG E 200 -8.59 -23.25 -49.72
C ARG E 200 -7.73 -22.83 -48.55
N VAL E 201 -6.70 -22.01 -48.80
CA VAL E 201 -5.80 -21.57 -47.73
C VAL E 201 -6.59 -20.79 -46.68
N ALA E 202 -7.64 -20.08 -47.07
CA ALA E 202 -8.51 -19.38 -46.14
C ALA E 202 -9.45 -20.33 -45.40
N ALA E 203 -9.98 -21.35 -46.08
CA ALA E 203 -10.86 -22.30 -45.40
C ALA E 203 -10.12 -23.07 -44.32
N VAL E 204 -8.93 -23.57 -44.63
CA VAL E 204 -8.18 -24.30 -43.60
C VAL E 204 -7.73 -23.37 -42.48
N PHE E 205 -7.38 -22.13 -42.82
CA PHE E 205 -6.98 -21.14 -41.82
C PHE E 205 -8.11 -20.81 -40.87
N MET E 206 -9.33 -20.64 -41.39
CA MET E 206 -10.52 -20.41 -40.56
C MET E 206 -10.89 -21.64 -39.74
N GLN E 207 -10.75 -22.84 -40.32
CA GLN E 207 -11.02 -24.06 -39.56
C GLN E 207 -10.07 -24.19 -38.38
N TYR E 208 -8.81 -23.83 -38.57
CA TYR E 208 -7.89 -23.77 -37.44
C TYR E 208 -8.29 -22.68 -36.46
N GLY E 209 -8.73 -21.54 -36.98
CA GLY E 209 -9.02 -20.40 -36.12
C GLY E 209 -10.19 -20.65 -35.17
N ILE E 210 -11.24 -21.30 -35.66
CA ILE E 210 -12.39 -21.56 -34.79
C ILE E 210 -12.01 -22.47 -33.64
N VAL E 211 -11.23 -23.52 -33.94
CA VAL E 211 -10.81 -24.44 -32.90
C VAL E 211 -9.86 -23.75 -31.93
N ALA E 212 -8.98 -22.87 -32.44
CA ALA E 212 -8.10 -22.12 -31.55
C ALA E 212 -8.90 -21.21 -30.63
N ASN E 213 -9.93 -20.56 -31.16
CA ASN E 213 -10.78 -19.69 -30.36
C ASN E 213 -11.47 -20.48 -29.25
N TYR E 214 -12.03 -21.64 -29.60
CA TYR E 214 -12.73 -22.44 -28.58
C TYR E 214 -11.76 -23.00 -27.55
N CYS E 215 -10.56 -23.40 -27.99
CA CYS E 215 -9.56 -23.89 -27.06
C CYS E 215 -9.09 -22.77 -26.12
N TRP E 216 -9.02 -21.53 -26.62
CA TRP E 216 -8.62 -20.45 -25.74
C TRP E 216 -9.73 -20.06 -24.77
N LEU E 217 -10.99 -20.19 -25.18
CA LEU E 217 -12.08 -20.07 -24.22
C LEU E 217 -11.96 -21.12 -23.13
N LEU E 218 -11.63 -22.36 -23.53
CA LEU E 218 -11.40 -23.42 -22.56
C LEU E 218 -10.24 -23.07 -21.63
N VAL E 219 -9.17 -22.48 -22.18
CA VAL E 219 -8.03 -22.10 -21.36
C VAL E 219 -8.42 -21.04 -20.35
N GLU E 220 -9.17 -20.03 -20.77
CA GLU E 220 -9.66 -19.02 -19.83
C GLU E 220 -10.48 -19.66 -18.71
N GLY E 221 -11.40 -20.58 -19.09
CA GLY E 221 -12.21 -21.22 -18.08
C GLY E 221 -11.40 -22.06 -17.12
N LEU E 222 -10.43 -22.83 -17.63
CA LEU E 222 -9.61 -23.67 -16.77
C LEU E 222 -8.73 -22.83 -15.84
N TYR E 223 -8.19 -21.73 -16.36
CA TYR E 223 -7.38 -20.86 -15.51
C TYR E 223 -8.22 -20.25 -14.40
N LEU E 224 -9.44 -19.81 -14.72
CA LEU E 224 -10.31 -19.27 -13.68
C LEU E 224 -10.69 -20.34 -12.67
N HIS E 225 -10.98 -21.56 -13.13
CA HIS E 225 -11.39 -22.63 -12.22
C HIS E 225 -10.26 -23.03 -11.28
N ASN E 226 -9.04 -23.17 -11.82
CA ASN E 226 -7.91 -23.60 -11.01
C ASN E 226 -7.40 -22.52 -10.07
N LEU E 227 -7.73 -21.25 -10.34
CA LEU E 227 -7.29 -20.15 -9.49
C LEU E 227 -8.13 -20.01 -8.23
N LEU E 228 -9.38 -20.46 -8.26
CA LEU E 228 -10.25 -20.39 -7.10
C LEU E 228 -10.21 -21.65 -6.25
N GLY E 229 -9.43 -22.65 -6.64
CA GLY E 229 -9.30 -23.86 -5.86
C GLY E 229 -8.03 -23.88 -5.02
N LEU E 230 -7.21 -22.84 -5.15
CA LEU E 230 -5.95 -22.75 -4.45
C LEU E 230 -6.11 -21.95 -3.16
N ALA E 231 -5.54 -22.46 -2.08
CA ALA E 231 -5.53 -21.74 -0.82
C ALA E 231 -4.69 -20.47 -0.92
N THR E 232 -3.54 -20.55 -1.58
CA THR E 232 -2.61 -19.43 -1.72
C THR E 232 -2.46 -19.08 -3.19
N LEU E 233 -1.71 -18.03 -3.47
CA LEU E 233 -1.45 -17.63 -4.85
C LEU E 233 -0.56 -18.68 -5.48
N PRO E 234 -0.73 -18.93 -6.78
CA PRO E 234 0.08 -19.94 -7.45
C PRO E 234 1.54 -19.50 -7.45
N GLU E 235 2.45 -20.44 -7.29
CA GLU E 235 3.87 -20.08 -7.24
C GLU E 235 4.38 -19.72 -8.63
N ARG E 236 3.80 -20.30 -9.66
CA ARG E 236 4.20 -20.00 -11.02
C ARG E 236 2.97 -19.80 -11.86
N SER E 237 3.11 -19.16 -13.01
CA SER E 237 1.97 -18.86 -13.86
C SER E 237 1.58 -20.03 -14.74
N PHE E 238 2.54 -20.90 -15.07
CA PHE E 238 2.30 -22.03 -15.98
C PHE E 238 1.78 -21.54 -17.31
N PHE E 239 2.32 -20.41 -17.78
CA PHE E 239 1.86 -19.81 -19.03
C PHE E 239 2.21 -20.69 -20.23
N SER E 240 3.32 -21.42 -20.14
CA SER E 240 3.71 -22.31 -21.24
C SER E 240 2.68 -23.40 -21.46
N LEU E 241 2.13 -23.95 -20.37
CA LEU E 241 1.09 -24.97 -20.50
C LEU E 241 -0.14 -24.42 -21.20
N TYR E 242 -0.56 -23.21 -20.84
CA TYR E 242 -1.74 -22.62 -21.46
C TYR E 242 -1.49 -22.29 -22.93
N LEU E 243 -0.28 -21.83 -23.27
CA LEU E 243 0.03 -21.62 -24.68
C LEU E 243 0.04 -22.93 -25.45
N GLY E 244 0.59 -23.99 -24.86
CA GLY E 244 0.64 -25.27 -25.54
C GLY E 244 -0.71 -25.96 -25.68
N ILE E 245 -1.66 -25.65 -24.80
CA ILE E 245 -3.01 -26.20 -24.92
C ILE E 245 -3.94 -25.27 -25.68
N GLY E 246 -3.57 -24.01 -25.89
CA GLY E 246 -4.39 -23.07 -26.62
C GLY E 246 -4.07 -22.99 -28.09
N TRP E 247 -2.79 -22.81 -28.43
CA TRP E 247 -2.34 -22.76 -29.81
C TRP E 247 -1.77 -24.09 -30.30
N GLY E 248 -1.72 -25.10 -29.43
CA GLY E 248 -1.11 -26.36 -29.81
C GLY E 248 -2.11 -27.46 -30.10
N ALA E 249 -3.18 -27.53 -29.32
CA ALA E 249 -4.22 -28.52 -29.58
C ALA E 249 -4.88 -28.32 -30.94
N PRO E 250 -5.33 -27.11 -31.32
CA PRO E 250 -5.95 -26.97 -32.65
C PRO E 250 -5.03 -27.32 -33.78
N MET E 251 -3.72 -27.06 -33.64
CA MET E 251 -2.78 -27.48 -34.68
C MET E 251 -2.76 -28.99 -34.84
N LEU E 252 -2.81 -29.72 -33.72
CA LEU E 252 -2.88 -31.17 -33.76
C LEU E 252 -4.25 -31.67 -34.22
N PHE E 253 -5.28 -30.83 -34.15
CA PHE E 253 -6.62 -31.28 -34.50
C PHE E 253 -6.96 -31.05 -35.98
N VAL E 254 -6.65 -29.88 -36.51
CA VAL E 254 -7.09 -29.55 -37.86
C VAL E 254 -6.07 -29.99 -38.92
N VAL E 255 -4.78 -29.76 -38.67
CA VAL E 255 -3.77 -30.01 -39.70
C VAL E 255 -3.70 -31.48 -40.10
N PRO E 256 -3.63 -32.45 -39.18
CA PRO E 256 -3.61 -33.85 -39.61
C PRO E 256 -4.82 -34.25 -40.43
N TRP E 257 -5.97 -33.64 -40.18
CA TRP E 257 -7.16 -33.94 -40.96
C TRP E 257 -7.29 -33.04 -42.18
N ALA E 258 -6.70 -31.85 -42.16
CA ALA E 258 -6.61 -31.06 -43.37
C ALA E 258 -5.77 -31.77 -44.42
N VAL E 259 -4.69 -32.43 -44.00
CA VAL E 259 -3.89 -33.22 -44.93
C VAL E 259 -4.72 -34.36 -45.50
N VAL E 260 -5.54 -35.00 -44.67
CA VAL E 260 -6.40 -36.08 -45.16
C VAL E 260 -7.40 -35.55 -46.18
N LYS E 261 -7.92 -34.36 -45.95
CA LYS E 261 -8.90 -33.78 -46.87
C LYS E 261 -8.29 -33.43 -48.20
N CYS E 262 -7.18 -32.71 -48.19
CA CYS E 262 -6.51 -32.33 -49.44
C CYS E 262 -6.15 -33.54 -50.28
N LEU E 263 -5.67 -34.60 -49.65
CA LEU E 263 -5.33 -35.82 -50.36
C LEU E 263 -6.57 -36.34 -51.07
N PHE E 264 -7.69 -36.38 -50.38
CA PHE E 264 -8.92 -36.87 -50.97
C PHE E 264 -9.59 -35.82 -51.86
N GLU E 265 -10.43 -34.97 -51.29
CA GLU E 265 -11.09 -33.93 -52.06
C GLU E 265 -10.38 -32.60 -51.88
N ASN E 266 -9.61 -32.20 -52.88
CA ASN E 266 -8.82 -30.98 -52.76
C ASN E 266 -9.58 -29.72 -53.12
N VAL E 267 -10.41 -29.78 -54.16
CA VAL E 267 -11.17 -28.62 -54.59
C VAL E 267 -12.50 -28.58 -53.86
N GLN E 268 -12.47 -28.22 -52.59
CA GLN E 268 -13.70 -28.27 -51.80
C GLN E 268 -14.40 -26.94 -51.57
N CYS E 269 -13.72 -26.00 -50.90
CA CYS E 269 -14.37 -24.74 -50.52
C CYS E 269 -15.77 -25.00 -49.95
N TRP E 270 -15.86 -26.03 -49.11
CA TRP E 270 -17.15 -26.61 -48.73
C TRP E 270 -17.83 -25.88 -47.59
N THR E 271 -17.06 -25.28 -46.68
CA THR E 271 -17.66 -24.57 -45.55
C THR E 271 -18.41 -23.34 -46.05
N SER E 272 -19.61 -23.12 -45.50
CA SER E 272 -20.46 -22.01 -45.90
C SER E 272 -20.98 -21.23 -44.69
N ASN E 273 -20.20 -21.20 -43.61
CA ASN E 273 -20.58 -20.48 -42.39
C ASN E 273 -21.93 -20.93 -41.85
N PHE E 278 -18.29 -36.63 -42.44
CA PHE E 278 -18.73 -35.24 -42.51
C PHE E 278 -17.78 -34.32 -41.76
N TRP E 279 -18.32 -33.23 -41.22
CA TRP E 279 -17.55 -32.30 -40.41
C TRP E 279 -17.64 -32.57 -38.92
N TRP E 280 -18.41 -33.59 -38.52
CA TRP E 280 -18.55 -33.90 -37.10
C TRP E 280 -17.26 -34.41 -36.48
N ILE E 281 -16.26 -34.79 -37.28
CA ILE E 281 -14.98 -35.22 -36.72
C ILE E 281 -14.32 -34.07 -35.97
N LEU E 282 -14.29 -32.88 -36.59
CA LEU E 282 -13.73 -31.71 -35.93
C LEU E 282 -14.62 -31.20 -34.79
N ARG E 283 -15.86 -31.69 -34.69
CA ARG E 283 -16.77 -31.23 -33.66
C ARG E 283 -16.48 -31.82 -32.29
N PHE E 284 -15.73 -32.92 -32.22
CA PHE E 284 -15.46 -33.53 -30.92
C PHE E 284 -14.67 -32.63 -29.99
N PRO E 285 -13.55 -32.01 -30.40
CA PRO E 285 -12.91 -31.04 -29.49
C PRO E 285 -13.82 -29.89 -29.14
N VAL E 286 -14.65 -29.44 -30.08
CA VAL E 286 -15.60 -28.36 -29.82
C VAL E 286 -16.56 -28.78 -28.71
N PHE E 287 -17.17 -29.96 -28.83
CA PHE E 287 -18.13 -30.40 -27.84
C PHE E 287 -17.47 -30.61 -26.48
N LEU E 288 -16.25 -31.17 -26.47
CA LEU E 288 -15.54 -31.36 -25.22
C LEU E 288 -15.26 -30.03 -24.53
N ALA E 289 -14.79 -29.04 -25.30
CA ALA E 289 -14.50 -27.72 -24.73
C ALA E 289 -15.77 -27.08 -24.19
N ILE E 290 -16.88 -27.18 -24.93
CA ILE E 290 -18.13 -26.59 -24.46
C ILE E 290 -18.60 -27.27 -23.18
N LEU E 291 -18.49 -28.59 -23.11
CA LEU E 291 -18.93 -29.30 -21.91
C LEU E 291 -18.09 -28.91 -20.70
N ILE E 292 -16.77 -28.86 -20.86
CA ILE E 292 -15.90 -28.51 -19.74
C ILE E 292 -16.17 -27.07 -19.30
N ASN E 293 -16.33 -26.16 -20.26
CA ASN E 293 -16.61 -24.77 -19.92
C ASN E 293 -17.94 -24.65 -19.20
N PHE E 294 -18.96 -25.39 -19.63
CA PHE E 294 -20.24 -25.35 -18.94
C PHE E 294 -20.13 -25.84 -17.50
N PHE E 295 -19.41 -26.94 -17.30
CA PHE E 295 -19.26 -27.48 -15.94
C PHE E 295 -18.53 -26.49 -15.04
N ILE E 296 -17.43 -25.91 -15.53
CA ILE E 296 -16.69 -24.99 -14.67
C ILE E 296 -17.47 -23.69 -14.48
N PHE E 297 -18.29 -23.30 -15.45
CA PHE E 297 -19.16 -22.14 -15.26
C PHE E 297 -20.19 -22.41 -14.16
N VAL E 298 -20.75 -23.62 -14.14
CA VAL E 298 -21.66 -23.98 -13.06
C VAL E 298 -20.95 -23.93 -11.72
N ARG E 299 -19.71 -24.44 -11.66
CA ARG E 299 -18.95 -24.39 -10.41
C ARG E 299 -18.70 -22.96 -9.95
N ILE E 300 -18.34 -22.08 -10.89
CA ILE E 300 -18.07 -20.69 -10.53
C ILE E 300 -19.34 -19.99 -10.06
N VAL E 301 -20.47 -20.29 -10.70
CA VAL E 301 -21.74 -19.71 -10.26
C VAL E 301 -22.08 -20.20 -8.85
N GLN E 302 -21.83 -21.48 -8.58
CA GLN E 302 -22.06 -22.00 -7.23
C GLN E 302 -21.20 -21.27 -6.21
N LEU E 303 -19.93 -21.05 -6.54
CA LEU E 303 -19.04 -20.34 -5.64
C LEU E 303 -19.53 -18.90 -5.41
N LEU E 304 -19.95 -18.23 -6.47
CA LEU E 304 -20.44 -16.86 -6.33
C LEU E 304 -21.69 -16.79 -5.46
N VAL E 305 -22.62 -17.73 -5.65
CA VAL E 305 -23.82 -17.76 -4.82
C VAL E 305 -23.46 -18.01 -3.37
N ALA E 306 -22.53 -18.94 -3.12
CA ALA E 306 -22.13 -19.24 -1.76
C ALA E 306 -21.49 -18.03 -1.09
N LYS E 307 -20.66 -17.30 -1.82
CA LYS E 307 -20.00 -16.13 -1.26
C LYS E 307 -20.93 -14.94 -1.10
N LEU E 308 -21.95 -14.81 -1.95
CA LEU E 308 -22.93 -13.75 -1.76
C LEU E 308 -23.86 -14.03 -0.59
N ARG E 309 -24.22 -15.30 -0.37
CA ARG E 309 -25.09 -15.65 0.74
C ARG E 309 -24.39 -15.66 2.08
N ALA E 310 -23.07 -15.86 2.11
CA ALA E 310 -22.37 -15.98 3.39
C ALA E 310 -22.24 -14.63 4.07
N ARG E 311 -21.54 -13.69 3.43
CA ARG E 311 -21.32 -12.36 3.98
C ARG E 311 -22.27 -11.37 3.31
N GLN E 312 -22.22 -10.12 3.79
CA GLN E 312 -23.01 -8.99 3.29
C GLN E 312 -24.46 -9.37 3.01
N MET E 313 -25.01 -10.27 3.83
CA MET E 313 -26.41 -10.66 3.68
C MET E 313 -27.35 -9.55 4.15
N HIS E 314 -26.88 -8.64 5.01
CA HIS E 314 -27.70 -7.53 5.45
C HIS E 314 -28.11 -6.62 4.30
N HIS E 315 -27.34 -6.60 3.22
CA HIS E 315 -27.70 -5.82 2.02
C HIS E 315 -28.69 -6.62 1.18
N THR E 316 -29.91 -6.73 1.71
CA THR E 316 -30.94 -7.50 1.04
C THR E 316 -31.42 -6.80 -0.22
N ASP E 317 -31.98 -7.60 -1.14
CA ASP E 317 -32.53 -7.18 -2.43
C ASP E 317 -31.44 -6.72 -3.40
N TYR E 318 -30.18 -6.68 -2.98
CA TYR E 318 -29.08 -6.34 -3.87
C TYR E 318 -28.30 -7.56 -4.34
N LYS E 319 -28.61 -8.75 -3.82
CA LYS E 319 -27.91 -9.95 -4.25
C LYS E 319 -28.19 -10.27 -5.71
N PHE E 320 -29.45 -10.10 -6.14
CA PHE E 320 -29.80 -10.39 -7.53
C PHE E 320 -29.09 -9.45 -8.49
N ARG E 321 -29.04 -8.16 -8.17
CA ARG E 321 -28.44 -7.19 -9.08
C ARG E 321 -26.94 -7.40 -9.26
N LEU E 322 -26.27 -8.03 -8.30
CA LEU E 322 -24.86 -8.36 -8.44
C LEU E 322 -24.62 -9.76 -8.97
N ALA E 323 -25.53 -10.70 -8.72
CA ALA E 323 -25.38 -12.05 -9.23
C ALA E 323 -25.74 -12.17 -10.70
N LYS E 324 -26.69 -11.38 -11.18
CA LYS E 324 -27.02 -11.38 -12.60
C LYS E 324 -25.99 -10.65 -13.45
N SER E 325 -25.27 -9.68 -12.87
CA SER E 325 -24.21 -9.03 -13.62
C SER E 325 -23.08 -10.00 -13.94
N THR E 326 -22.75 -10.89 -13.02
CA THR E 326 -21.72 -11.90 -13.27
C THR E 326 -22.13 -12.84 -14.39
N LEU E 327 -23.40 -13.26 -14.41
CA LEU E 327 -23.86 -14.14 -15.47
C LEU E 327 -23.74 -13.50 -16.84
N THR E 328 -24.06 -12.21 -16.94
CA THR E 328 -23.82 -11.46 -18.17
C THR E 328 -22.34 -11.19 -18.39
N LEU E 329 -21.52 -11.30 -17.35
CA LEU E 329 -20.09 -11.07 -17.48
C LEU E 329 -19.33 -12.32 -17.92
N ILE E 330 -19.84 -13.52 -17.61
CA ILE E 330 -19.20 -14.76 -18.05
C ILE E 330 -20.18 -15.70 -18.74
N PRO E 331 -21.00 -15.24 -19.71
CA PRO E 331 -21.86 -16.20 -20.43
C PRO E 331 -21.11 -16.84 -21.59
N LEU E 332 -20.05 -16.16 -22.04
CA LEU E 332 -19.25 -16.67 -23.14
C LEU E 332 -18.51 -17.95 -22.77
N LEU E 333 -18.14 -18.10 -21.48
CA LEU E 333 -17.55 -19.33 -20.99
C LEU E 333 -18.67 -20.34 -20.76
N GLY E 334 -19.17 -20.90 -21.86
CA GLY E 334 -20.24 -21.85 -21.77
C GLY E 334 -21.43 -21.54 -22.65
N VAL E 335 -21.25 -20.70 -23.66
CA VAL E 335 -22.30 -20.44 -24.63
C VAL E 335 -22.52 -21.70 -25.46
N HIS E 336 -23.78 -22.07 -25.63
CA HIS E 336 -24.13 -23.33 -26.30
C HIS E 336 -24.41 -23.08 -27.77
N GLU E 337 -23.67 -23.78 -28.63
CA GLU E 337 -23.93 -23.77 -30.07
C GLU E 337 -24.40 -25.10 -30.61
N VAL E 338 -24.22 -26.19 -29.85
CA VAL E 338 -24.72 -27.49 -30.28
C VAL E 338 -26.24 -27.51 -30.30
N VAL E 339 -26.87 -26.81 -29.36
CA VAL E 339 -28.33 -26.74 -29.34
C VAL E 339 -28.85 -26.01 -30.57
N PHE E 340 -28.12 -24.99 -31.04
CA PHE E 340 -28.49 -24.28 -32.26
C PHE E 340 -28.04 -24.98 -33.52
N ALA E 341 -27.22 -26.04 -33.40
CA ALA E 341 -26.78 -26.80 -34.56
C ALA E 341 -27.56 -28.08 -34.77
N PHE E 342 -28.24 -28.59 -33.73
CA PHE E 342 -29.04 -29.80 -33.85
C PHE E 342 -30.50 -29.45 -34.18
N VAL E 343 -30.67 -28.76 -35.30
CA VAL E 343 -32.00 -28.34 -35.73
C VAL E 343 -32.44 -29.16 -36.94
N GLN E 349 -35.31 -26.69 -41.56
CA GLN E 349 -36.45 -27.41 -40.99
C GLN E 349 -37.68 -26.51 -40.91
N GLY E 350 -38.09 -25.99 -42.06
CA GLY E 350 -39.23 -25.10 -42.14
C GLY E 350 -38.83 -23.64 -42.09
N THR E 351 -39.82 -22.77 -42.34
CA THR E 351 -39.57 -21.34 -42.33
C THR E 351 -39.24 -20.83 -40.93
N LEU E 352 -39.82 -21.45 -39.90
CA LEU E 352 -39.48 -21.05 -38.53
C LEU E 352 -38.03 -21.36 -38.20
N ARG E 353 -37.52 -22.51 -38.68
CA ARG E 353 -36.11 -22.83 -38.50
C ARG E 353 -35.22 -21.83 -39.23
N SER E 354 -35.61 -21.44 -40.44
CA SER E 354 -34.83 -20.46 -41.19
C SER E 354 -34.81 -19.12 -40.46
N ALA E 355 -35.94 -18.71 -39.90
CA ALA E 355 -35.98 -17.47 -39.12
C ALA E 355 -35.12 -17.58 -37.87
N LYS E 356 -35.14 -18.73 -37.20
CA LYS E 356 -34.34 -18.92 -36.00
C LYS E 356 -32.85 -19.00 -36.30
N LEU E 357 -32.48 -19.37 -37.53
CA LEU E 357 -31.07 -19.39 -37.92
C LEU E 357 -30.42 -18.01 -37.91
N PHE E 358 -31.19 -16.95 -37.65
CA PHE E 358 -30.62 -15.61 -37.64
C PHE E 358 -29.58 -15.46 -36.55
N PHE E 359 -29.82 -16.05 -35.37
CA PHE E 359 -28.88 -15.91 -34.27
C PHE E 359 -27.56 -16.62 -34.53
N ASP E 360 -27.54 -17.64 -35.39
CA ASP E 360 -26.31 -18.38 -35.63
C ASP E 360 -25.25 -17.51 -36.29
N LEU E 361 -25.64 -16.73 -37.29
CA LEU E 361 -24.71 -15.81 -37.94
C LEU E 361 -24.66 -14.45 -37.28
N PHE E 362 -25.40 -14.26 -36.17
CA PHE E 362 -25.33 -13.04 -35.38
C PHE E 362 -24.51 -13.22 -34.12
N LEU E 363 -24.80 -14.27 -33.34
CA LEU E 363 -24.02 -14.54 -32.13
C LEU E 363 -22.57 -14.86 -32.47
N SER E 364 -22.35 -15.64 -33.53
CA SER E 364 -21.00 -16.02 -33.94
C SER E 364 -20.34 -14.96 -34.80
N SER E 365 -20.88 -13.75 -34.83
CA SER E 365 -20.27 -12.64 -35.57
C SER E 365 -19.96 -11.45 -34.68
N PHE E 366 -20.83 -11.14 -33.71
CA PHE E 366 -20.58 -10.09 -32.74
C PHE E 366 -19.90 -10.61 -31.47
N GLN E 367 -19.54 -11.89 -31.45
CA GLN E 367 -18.98 -12.49 -30.24
C GLN E 367 -17.67 -11.81 -29.85
N GLY E 368 -16.81 -11.52 -30.82
CA GLY E 368 -15.56 -10.84 -30.52
C GLY E 368 -15.76 -9.48 -29.91
N LEU E 369 -16.70 -8.70 -30.45
CA LEU E 369 -17.00 -7.39 -29.89
C LEU E 369 -17.52 -7.51 -28.46
N LEU E 370 -18.39 -8.48 -28.22
CA LEU E 370 -18.92 -8.69 -26.87
C LEU E 370 -17.82 -9.06 -25.90
N VAL E 371 -16.91 -9.96 -26.32
CA VAL E 371 -15.81 -10.36 -25.45
C VAL E 371 -14.91 -9.17 -25.14
N ALA E 372 -14.58 -8.38 -26.16
CA ALA E 372 -13.72 -7.22 -25.95
C ALA E 372 -14.38 -6.21 -25.02
N VAL E 373 -15.68 -5.96 -25.20
CA VAL E 373 -16.38 -5.02 -24.32
C VAL E 373 -16.40 -5.53 -22.89
N LEU E 374 -16.67 -6.82 -22.70
CA LEU E 374 -16.78 -7.37 -21.35
C LEU E 374 -15.43 -7.38 -20.64
N TYR E 375 -14.35 -7.69 -21.36
CA TYR E 375 -13.07 -7.94 -20.72
C TYR E 375 -12.10 -6.78 -20.75
N CYS E 376 -12.33 -5.76 -21.59
CA CYS E 376 -11.38 -4.66 -21.71
C CYS E 376 -12.00 -3.27 -21.60
N PHE E 377 -13.27 -3.09 -21.95
CA PHE E 377 -13.89 -1.78 -21.90
C PHE E 377 -14.76 -1.56 -20.69
N LEU E 378 -15.41 -2.61 -20.18
CA LEU E 378 -16.20 -2.53 -18.96
C LEU E 378 -15.37 -2.83 -17.72
N ASN E 379 -14.08 -3.07 -17.89
CA ASN E 379 -13.22 -3.36 -16.74
C ASN E 379 -12.99 -2.10 -15.92
N LYS E 380 -13.16 -2.21 -14.60
CA LYS E 380 -13.08 -1.03 -13.75
C LYS E 380 -11.66 -0.51 -13.63
N GLU E 381 -10.69 -1.40 -13.37
CA GLU E 381 -9.32 -0.92 -13.18
C GLU E 381 -8.70 -0.46 -14.48
N VAL E 382 -9.09 -1.05 -15.62
CA VAL E 382 -8.64 -0.55 -16.91
C VAL E 382 -9.15 0.87 -17.14
N GLN E 383 -10.43 1.11 -16.80
CA GLN E 383 -10.98 2.45 -16.94
C GLN E 383 -10.27 3.43 -16.01
N SER E 384 -9.98 3.01 -14.78
CA SER E 384 -9.27 3.88 -13.84
C SER E 384 -7.87 4.22 -14.35
N GLU E 385 -7.17 3.23 -14.90
CA GLU E 385 -5.84 3.47 -15.43
C GLU E 385 -5.90 4.40 -16.64
N LEU E 386 -6.91 4.23 -17.50
CA LEU E 386 -7.07 5.13 -18.64
C LEU E 386 -7.36 6.56 -18.19
N ARG E 387 -8.20 6.72 -17.16
CA ARG E 387 -8.47 8.05 -16.63
C ARG E 387 -7.21 8.67 -16.04
N ARG E 388 -6.41 7.86 -15.33
CA ARG E 388 -5.16 8.36 -14.79
C ARG E 388 -4.22 8.81 -15.90
N ARG E 389 -4.12 8.02 -16.97
CA ARG E 389 -3.28 8.39 -18.10
C ARG E 389 -3.76 9.67 -18.76
N TRP E 390 -5.08 9.81 -18.94
CA TRP E 390 -5.61 11.02 -19.55
C TRP E 390 -5.36 12.26 -18.70
N HIS E 391 -5.54 12.14 -17.37
CA HIS E 391 -5.25 13.26 -16.49
C HIS E 391 -3.76 13.59 -16.51
N ARG E 392 -2.91 12.57 -16.55
CA ARG E 392 -1.47 12.80 -16.58
C ARG E 392 -1.06 13.52 -17.86
N TRP E 393 -1.61 13.12 -19.00
CA TRP E 393 -1.30 13.80 -20.26
C TRP E 393 -1.83 15.22 -20.26
N ARG E 394 -3.02 15.43 -19.69
CA ARG E 394 -3.62 16.77 -19.61
C ARG E 394 -3.14 17.47 -18.34
N LEU E 395 -1.86 17.85 -18.36
CA LEU E 395 -1.27 18.55 -17.22
C LEU E 395 -1.33 20.07 -17.40
N GLY E 396 -1.12 20.56 -18.60
CA GLY E 396 -1.16 21.99 -18.86
C GLY E 396 0.13 22.68 -18.44
N LYS E 397 0.30 22.85 -17.14
CA LYS E 397 1.51 23.46 -16.55
C LYS E 397 1.79 24.82 -17.18
N VAL E 398 0.86 25.74 -16.96
CA VAL E 398 0.95 27.12 -17.46
C VAL E 398 1.09 27.14 -18.97
N PRO F 1 -23.70 -46.48 -46.34
CA PRO F 1 -22.34 -46.94 -46.06
C PRO F 1 -21.92 -46.66 -44.61
N PRO F 2 -21.10 -47.54 -44.03
CA PRO F 2 -20.63 -47.30 -42.66
C PRO F 2 -19.73 -46.10 -42.61
N PRO F 3 -19.64 -45.42 -41.47
CA PRO F 3 -18.76 -44.25 -41.34
C PRO F 3 -17.32 -44.60 -41.65
N PRO F 4 -16.77 -44.08 -42.74
CA PRO F 4 -15.40 -44.45 -43.14
C PRO F 4 -14.34 -43.93 -42.18
N PHE F 5 -14.40 -42.64 -41.84
CA PHE F 5 -13.38 -42.00 -41.02
C PHE F 5 -13.93 -41.19 -39.86
N SER F 6 -15.25 -41.14 -39.67
CA SER F 6 -15.81 -40.47 -38.51
C SER F 6 -15.90 -41.37 -37.29
N ASN F 7 -15.77 -42.70 -37.47
CA ASN F 7 -15.74 -43.60 -36.33
C ASN F 7 -14.49 -43.40 -35.49
N LEU F 8 -13.37 -43.04 -36.13
CA LEU F 8 -12.11 -42.83 -35.43
C LEU F 8 -12.22 -41.60 -34.55
N VAL F 9 -12.33 -41.81 -33.24
CA VAL F 9 -12.25 -40.70 -32.30
C VAL F 9 -10.87 -40.08 -32.40
N MET F 10 -10.81 -38.75 -32.49
CA MET F 10 -9.54 -38.08 -32.72
C MET F 10 -8.57 -38.35 -31.58
N ASP F 11 -7.29 -38.34 -31.93
CA ASP F 11 -6.24 -38.74 -31.01
C ASP F 11 -6.28 -37.91 -29.73
N ASP F 12 -6.21 -38.60 -28.60
CA ASP F 12 -6.24 -37.93 -27.30
C ASP F 12 -4.93 -37.18 -27.05
N LEU F 13 -5.03 -36.00 -26.44
CA LEU F 13 -3.87 -35.19 -26.13
C LEU F 13 -3.36 -35.61 -24.76
N LYS F 14 -2.46 -36.60 -24.76
CA LYS F 14 -1.83 -37.08 -23.53
C LYS F 14 -0.75 -36.07 -23.15
N ASN F 15 -1.17 -35.03 -22.42
CA ASN F 15 -0.27 -33.93 -22.06
C ASN F 15 0.48 -34.29 -20.79
N LYS F 16 1.50 -35.14 -20.95
CA LYS F 16 2.36 -35.54 -19.85
C LYS F 16 3.61 -34.66 -19.88
N LYS F 17 3.49 -33.48 -19.29
CA LYS F 17 4.59 -32.52 -19.27
C LYS F 17 4.41 -31.54 -18.12
#